data_3TFQ
#
_entry.id   3TFQ
#
_cell.length_a   74.500
_cell.length_b   94.000
_cell.length_c   167.800
_cell.angle_alpha   90.00
_cell.angle_beta   90.00
_cell.angle_gamma   90.00
#
_symmetry.space_group_name_H-M   'P 21 21 21'
#
loop_
_entity.id
_entity.type
_entity.pdbx_description
1 polymer 'Corticosteroid 11-beta-dehydrogenase isozyme 1'
2 non-polymer 'NADP NICOTINAMIDE-ADENINE-DINUCLEOTIDE PHOSPHATE'
3 non-polymer 8-{[(2-cyanopyridin-3-yl)methyl]sulfanyl}-6-hydroxy-3,4-dihydro-1H-pyrano[3,4-c]pyridine-5-carbonitrile
4 non-polymer GLYCEROL
5 water water
#
_entity_poly.entity_id   1
_entity_poly.type   'polypeptide(L)'
_entity_poly.pdbx_seq_one_letter_code
;GSHMASMTGGQQMGRGSNEEFRPEMLQGKKVIVTGASKGIGREMAYHLAKMGAHVVVTARSKETLQKVVSHCLELGAASA
HYIAGTMEDMTFAEQFVAQAGKLMGGLDMLILNHITNTSLNLFHDDIHHVRKSMEVNFLSYVVLTVAALPMLKQSNGSIV
VVSSLAGKVAYPMVAAYSASKFALDGFFSSIRKEYSVSRVNVSITLCVLGLIDTETAMKAVSGIVHMQAAPKEECALEII
KGGALRQEEVYYDSSRWTTLLIRNPCRKILEELYSTSYNMDRFINK
;
_entity_poly.pdbx_strand_id   A,B,D,E
#
loop_
_chem_comp.id
_chem_comp.type
_chem_comp.name
_chem_comp.formula
07M non-polymer 8-{[(2-cyanopyridin-3-yl)methyl]sulfanyl}-6-hydroxy-3,4-dihydro-1H-pyrano[3,4-c]pyridine-5-carbonitrile 'C16 H12 N4 O2 S'
GOL non-polymer GLYCEROL 'C3 H8 O3'
NAP non-polymer 'NADP NICOTINAMIDE-ADENINE-DINUCLEOTIDE PHOSPHATE' 'C21 H28 N7 O17 P3'
#
# COMPACT_ATOMS: atom_id res chain seq x y z
N GLU A 20 -3.20 -7.75 25.30
CA GLU A 20 -3.91 -9.00 25.55
C GLU A 20 -5.16 -8.78 26.41
N PHE A 21 -6.32 -9.11 25.82
CA PHE A 21 -7.59 -8.98 26.53
C PHE A 21 -7.70 -10.02 27.65
N ARG A 22 -8.35 -9.62 28.74
CA ARG A 22 -8.69 -10.44 29.90
C ARG A 22 -10.12 -10.05 30.29
N PRO A 23 -11.05 -11.02 30.52
CA PRO A 23 -12.46 -10.66 30.85
C PRO A 23 -12.65 -9.73 32.05
N GLU A 24 -11.64 -9.70 32.97
CA GLU A 24 -11.68 -8.83 34.14
C GLU A 24 -11.66 -7.34 33.75
N MET A 25 -11.24 -7.03 32.50
CA MET A 25 -11.24 -5.67 31.99
C MET A 25 -12.64 -5.05 31.96
N LEU A 26 -13.70 -5.89 31.93
CA LEU A 26 -15.09 -5.40 31.92
C LEU A 26 -15.79 -5.49 33.29
N GLN A 27 -15.13 -6.14 34.25
CA GLN A 27 -15.70 -6.30 35.58
C GLN A 27 -16.02 -4.95 36.22
N GLY A 28 -17.30 -4.72 36.52
CA GLY A 28 -17.79 -3.49 37.14
C GLY A 28 -17.82 -2.26 36.24
N LYS A 29 -17.57 -2.45 34.93
CA LYS A 29 -17.61 -1.35 33.97
C LYS A 29 -19.07 -1.04 33.64
N LYS A 30 -19.38 0.25 33.39
CA LYS A 30 -20.75 0.71 33.10
C LYS A 30 -20.87 0.83 31.57
N VAL A 31 -21.68 -0.02 30.96
CA VAL A 31 -21.73 -0.14 29.51
C VAL A 31 -23.15 0.02 28.96
N ILE A 32 -23.26 0.79 27.87
CA ILE A 32 -24.49 0.92 27.10
C ILE A 32 -24.30 0.03 25.85
N VAL A 33 -25.34 -0.73 25.47
CA VAL A 33 -25.35 -1.49 24.22
C VAL A 33 -26.62 -1.14 23.50
N THR A 34 -26.52 -0.61 22.27
CA THR A 34 -27.73 -0.30 21.50
C THR A 34 -28.01 -1.45 20.55
N GLY A 35 -29.24 -1.53 20.04
CA GLY A 35 -29.63 -2.64 19.15
C GLY A 35 -29.37 -3.97 19.84
N ALA A 36 -29.74 -4.07 21.12
CA ALA A 36 -29.40 -5.23 21.94
C ALA A 36 -30.53 -6.23 22.20
N SER A 37 -31.64 -6.11 21.48
CA SER A 37 -32.76 -7.07 21.65
C SER A 37 -32.50 -8.33 20.83
N LYS A 38 -31.61 -8.23 19.80
CA LYS A 38 -31.31 -9.40 18.97
C LYS A 38 -29.92 -9.33 18.35
N GLY A 39 -29.56 -10.40 17.62
CA GLY A 39 -28.32 -10.53 16.88
C GLY A 39 -27.07 -10.24 17.69
N ILE A 40 -26.14 -9.50 17.10
CA ILE A 40 -24.84 -9.19 17.71
C ILE A 40 -24.96 -8.39 19.02
N GLY A 41 -25.86 -7.41 19.05
CA GLY A 41 -26.09 -6.57 20.24
C GLY A 41 -26.50 -7.38 21.46
N ARG A 42 -27.42 -8.33 21.25
CA ARG A 42 -27.87 -9.22 22.33
C ARG A 42 -26.70 -10.08 22.81
N GLU A 43 -25.88 -10.60 21.88
CA GLU A 43 -24.70 -11.40 22.23
C GLU A 43 -23.69 -10.57 23.01
N MET A 44 -23.54 -9.27 22.67
CA MET A 44 -22.61 -8.42 23.42
C MET A 44 -23.11 -8.22 24.85
N ALA A 45 -24.44 -7.97 25.03
CA ALA A 45 -25.03 -7.81 26.37
C ALA A 45 -24.74 -9.08 27.22
N TYR A 46 -24.90 -10.28 26.62
CA TYR A 46 -24.64 -11.57 27.31
C TYR A 46 -23.19 -11.73 27.71
N HIS A 47 -22.22 -11.38 26.83
CA HIS A 47 -20.80 -11.43 27.17
C HIS A 47 -20.49 -10.48 28.32
N LEU A 48 -21.01 -9.25 28.23
CA LEU A 48 -20.75 -8.25 29.27
C LEU A 48 -21.32 -8.71 30.61
N ALA A 49 -22.51 -9.34 30.61
CA ALA A 49 -23.14 -9.89 31.83
C ALA A 49 -22.23 -10.95 32.47
N LYS A 50 -21.75 -11.91 31.66
CA LYS A 50 -20.83 -12.97 32.11
C LYS A 50 -19.55 -12.39 32.71
N MET A 51 -19.08 -11.23 32.19
CA MET A 51 -17.88 -10.54 32.68
C MET A 51 -18.16 -9.68 33.93
N GLY A 52 -19.42 -9.61 34.36
CA GLY A 52 -19.82 -8.86 35.55
C GLY A 52 -19.87 -7.35 35.38
N ALA A 53 -20.23 -6.89 34.15
CA ALA A 53 -20.36 -5.46 33.88
C ALA A 53 -21.75 -4.98 34.32
N HIS A 54 -21.92 -3.65 34.47
CA HIS A 54 -23.21 -3.02 34.67
C HIS A 54 -23.65 -2.73 33.22
N VAL A 55 -24.85 -3.16 32.84
CA VAL A 55 -25.34 -2.94 31.47
C VAL A 55 -26.66 -2.21 31.37
N VAL A 56 -26.78 -1.36 30.35
CA VAL A 56 -28.05 -0.71 30.02
C VAL A 56 -28.23 -1.01 28.53
N VAL A 57 -29.28 -1.74 28.19
CA VAL A 57 -29.56 -2.17 26.82
C VAL A 57 -30.73 -1.39 26.23
N THR A 58 -30.72 -1.17 24.92
CA THR A 58 -31.81 -0.48 24.25
C THR A 58 -32.05 -1.07 22.88
N ALA A 59 -33.30 -0.89 22.40
CA ALA A 59 -33.92 -1.29 21.14
C ALA A 59 -35.39 -0.86 21.27
N ARG A 60 -36.20 -1.11 20.24
CA ARG A 60 -37.60 -0.70 20.32
C ARG A 60 -38.45 -1.70 21.10
N SER A 61 -38.14 -3.00 21.00
CA SER A 61 -38.94 -4.10 21.57
C SER A 61 -38.80 -4.25 23.08
N LYS A 62 -39.69 -3.61 23.81
CA LYS A 62 -39.69 -3.63 25.28
C LYS A 62 -39.70 -5.08 25.82
N GLU A 63 -40.61 -5.93 25.28
CA GLU A 63 -40.74 -7.32 25.73
C GLU A 63 -39.49 -8.16 25.53
N THR A 64 -38.83 -8.00 24.36
CA THR A 64 -37.59 -8.73 24.08
C THR A 64 -36.49 -8.20 24.98
N LEU A 65 -36.43 -6.86 25.20
CA LEU A 65 -35.39 -6.29 26.08
C LEU A 65 -35.56 -6.80 27.53
N GLN A 66 -36.82 -6.98 27.99
CA GLN A 66 -37.10 -7.52 29.35
C GLN A 66 -36.44 -8.90 29.51
N LYS A 67 -36.56 -9.78 28.48
CA LYS A 67 -35.96 -11.12 28.42
C LYS A 67 -34.43 -11.07 28.42
N VAL A 68 -33.84 -10.12 27.66
CA VAL A 68 -32.39 -9.94 27.61
C VAL A 68 -31.88 -9.53 28.99
N VAL A 69 -32.58 -8.56 29.64
CA VAL A 69 -32.17 -8.11 30.98
C VAL A 69 -32.25 -9.24 32.00
N SER A 70 -33.36 -10.00 31.99
CA SER A 70 -33.52 -11.15 32.91
C SER A 70 -32.37 -12.12 32.73
N HIS A 71 -32.02 -12.43 31.46
CA HIS A 71 -30.90 -13.31 31.15
C HIS A 71 -29.53 -12.74 31.57
N CYS A 72 -29.31 -11.43 31.39
CA CYS A 72 -28.06 -10.80 31.83
C CYS A 72 -27.89 -10.98 33.34
N LEU A 73 -28.96 -10.81 34.09
CA LEU A 73 -28.91 -10.97 35.57
C LEU A 73 -28.54 -12.41 35.93
N GLU A 74 -29.15 -13.41 35.25
CA GLU A 74 -28.83 -14.84 35.45
C GLU A 74 -27.36 -15.14 35.15
N LEU A 75 -26.80 -14.51 34.10
CA LEU A 75 -25.41 -14.70 33.68
C LEU A 75 -24.36 -14.09 34.59
N GLY A 76 -24.77 -13.17 35.47
CA GLY A 76 -23.87 -12.56 36.43
C GLY A 76 -23.60 -11.08 36.26
N ALA A 77 -24.50 -10.33 35.58
CA ALA A 77 -24.29 -8.88 35.43
C ALA A 77 -24.33 -8.21 36.82
N ALA A 78 -23.46 -7.19 37.04
CA ALA A 78 -23.45 -6.43 38.30
C ALA A 78 -24.81 -5.73 38.48
N SER A 79 -25.42 -5.32 37.35
CA SER A 79 -26.76 -4.74 37.26
C SER A 79 -27.15 -4.76 35.78
N ALA A 80 -28.45 -4.74 35.51
CA ALA A 80 -28.94 -4.75 34.11
C ALA A 80 -30.27 -4.03 34.03
N HIS A 81 -30.39 -3.11 33.07
CA HIS A 81 -31.61 -2.37 32.85
C HIS A 81 -31.82 -2.25 31.36
N TYR A 82 -33.05 -1.98 30.94
CA TYR A 82 -33.36 -1.70 29.55
C TYR A 82 -34.14 -0.40 29.51
N ILE A 83 -34.07 0.32 28.39
CA ILE A 83 -34.87 1.51 28.14
C ILE A 83 -35.28 1.34 26.69
N ALA A 84 -36.59 1.20 26.43
CA ALA A 84 -37.07 0.96 25.06
C ALA A 84 -37.42 2.26 24.32
N GLY A 85 -37.08 2.31 23.03
CA GLY A 85 -37.39 3.47 22.22
C GLY A 85 -36.77 3.38 20.83
N THR A 86 -37.14 4.30 19.96
CA THR A 86 -36.63 4.31 18.60
C THR A 86 -35.53 5.34 18.40
N MET A 87 -34.43 4.90 17.77
CA MET A 87 -33.33 5.78 17.46
C MET A 87 -33.64 6.70 16.26
N GLU A 88 -34.90 6.62 15.69
CA GLU A 88 -35.34 7.58 14.65
C GLU A 88 -35.62 8.89 15.39
N ASP A 89 -35.87 8.79 16.71
CA ASP A 89 -36.19 9.95 17.54
C ASP A 89 -34.92 10.45 18.23
N MET A 90 -34.36 11.59 17.76
CA MET A 90 -33.10 12.14 18.30
C MET A 90 -33.26 12.62 19.75
N THR A 91 -34.50 12.99 20.16
CA THR A 91 -34.78 13.36 21.54
C THR A 91 -34.72 12.13 22.42
N PHE A 92 -35.29 10.98 21.95
CA PHE A 92 -35.16 9.73 22.68
C PHE A 92 -33.67 9.39 22.85
N ALA A 93 -32.87 9.47 21.75
CA ALA A 93 -31.43 9.13 21.84
C ALA A 93 -30.70 9.95 22.92
N GLU A 94 -30.95 11.26 22.97
CA GLU A 94 -30.33 12.15 23.94
C GLU A 94 -30.80 11.84 25.37
N GLN A 95 -32.11 11.67 25.58
CA GLN A 95 -32.68 11.36 26.89
C GLN A 95 -32.26 9.99 27.40
N PHE A 96 -32.18 9.01 26.48
CA PHE A 96 -31.78 7.64 26.81
C PHE A 96 -30.40 7.63 27.50
N VAL A 97 -29.41 8.35 26.94
CA VAL A 97 -28.03 8.35 27.49
C VAL A 97 -28.04 8.94 28.91
N ALA A 98 -28.77 10.05 29.11
CA ALA A 98 -28.85 10.69 30.44
C ALA A 98 -29.46 9.70 31.44
N GLN A 99 -30.56 9.00 31.07
CA GLN A 99 -31.20 8.01 31.96
C GLN A 99 -30.31 6.80 32.22
N ALA A 100 -29.63 6.29 31.19
CA ALA A 100 -28.73 5.14 31.36
C ALA A 100 -27.59 5.52 32.33
N GLY A 101 -27.03 6.72 32.17
CA GLY A 101 -25.96 7.23 33.03
C GLY A 101 -26.42 7.40 34.47
N LYS A 102 -27.65 7.88 34.66
CA LYS A 102 -28.26 8.05 35.99
C LYS A 102 -28.45 6.69 36.67
N LEU A 103 -28.89 5.67 35.91
CA LEU A 103 -29.10 4.32 36.47
C LEU A 103 -27.80 3.69 36.93
N MET A 104 -26.70 3.90 36.17
CA MET A 104 -25.43 3.27 36.50
C MET A 104 -24.51 4.13 37.35
N GLY A 105 -24.80 5.42 37.44
CA GLY A 105 -23.94 6.36 38.14
C GLY A 105 -22.68 6.68 37.33
N GLY A 106 -22.86 6.74 36.01
CA GLY A 106 -21.75 7.04 35.10
C GLY A 106 -21.76 6.16 33.86
N LEU A 107 -20.68 6.28 33.08
CA LEU A 107 -20.54 5.51 31.84
C LEU A 107 -19.08 5.30 31.50
N ASP A 108 -18.71 4.06 31.21
CA ASP A 108 -17.36 3.68 30.82
C ASP A 108 -17.25 3.35 29.33
N MET A 109 -18.30 2.74 28.75
CA MET A 109 -18.22 2.33 27.34
C MET A 109 -19.58 2.49 26.68
N LEU A 110 -19.58 3.08 25.48
CA LEU A 110 -20.78 3.28 24.69
C LEU A 110 -20.68 2.45 23.42
N ILE A 111 -21.49 1.38 23.32
CA ILE A 111 -21.47 0.48 22.17
C ILE A 111 -22.64 0.81 21.26
N LEU A 112 -22.31 1.38 20.10
CA LEU A 112 -23.29 1.83 19.09
C LEU A 112 -23.38 0.77 18.01
N ASN A 113 -24.51 0.05 18.00
CA ASN A 113 -24.69 -1.16 17.20
C ASN A 113 -25.99 -1.23 16.34
N HIS A 114 -27.04 -0.55 16.76
CA HIS A 114 -28.33 -0.58 16.05
C HIS A 114 -28.25 -0.09 14.62
N ILE A 115 -29.15 -0.62 13.79
CA ILE A 115 -29.34 -0.20 12.40
C ILE A 115 -30.82 -0.26 12.10
N THR A 116 -31.25 0.49 11.08
CA THR A 116 -32.64 0.44 10.64
C THR A 116 -32.83 -0.83 9.80
N ASN A 117 -34.07 -1.37 9.80
CA ASN A 117 -34.36 -2.57 9.03
C ASN A 117 -34.07 -2.32 7.55
N THR A 118 -33.36 -3.25 6.92
CA THR A 118 -33.02 -3.08 5.49
C THR A 118 -33.13 -4.42 4.79
N SER A 119 -32.85 -4.43 3.50
CA SER A 119 -32.90 -5.66 2.70
C SER A 119 -32.01 -5.48 1.49
N LEU A 120 -31.70 -6.58 0.79
CA LEU A 120 -30.86 -6.50 -0.41
C LEU A 120 -31.75 -6.20 -1.59
N ASN A 121 -31.53 -5.03 -2.23
CA ASN A 121 -32.32 -4.59 -3.37
C ASN A 121 -31.51 -3.62 -4.19
N LEU A 122 -31.76 -3.59 -5.50
CA LEU A 122 -31.11 -2.59 -6.35
C LEU A 122 -31.68 -1.23 -5.97
N PHE A 123 -30.87 -0.17 -6.09
CA PHE A 123 -31.38 1.14 -5.77
C PHE A 123 -32.11 1.71 -6.98
N HIS A 124 -33.34 2.21 -6.79
CA HIS A 124 -34.04 2.84 -7.91
C HIS A 124 -34.50 4.25 -7.54
N ASP A 125 -35.43 4.38 -6.58
CA ASP A 125 -35.91 5.71 -6.21
C ASP A 125 -36.28 5.82 -4.73
N ASP A 126 -35.85 4.86 -3.90
CA ASP A 126 -36.24 4.90 -2.49
C ASP A 126 -35.36 5.86 -1.67
N ILE A 127 -35.59 7.18 -1.88
CA ILE A 127 -34.87 8.22 -1.14
C ILE A 127 -35.24 8.16 0.36
N HIS A 128 -36.50 7.77 0.66
CA HIS A 128 -36.96 7.64 2.04
C HIS A 128 -36.06 6.65 2.79
N HIS A 129 -35.69 5.52 2.15
CA HIS A 129 -34.82 4.55 2.81
C HIS A 129 -33.41 5.09 2.97
N VAL A 130 -32.93 5.84 1.97
CA VAL A 130 -31.58 6.42 2.06
C VAL A 130 -31.53 7.38 3.26
N ARG A 131 -32.53 8.29 3.37
CA ARG A 131 -32.56 9.25 4.47
C ARG A 131 -32.71 8.55 5.83
N LYS A 132 -33.62 7.56 5.92
CA LYS A 132 -33.83 6.86 7.20
C LYS A 132 -32.57 6.12 7.61
N SER A 133 -31.87 5.47 6.65
CA SER A 133 -30.59 4.82 6.93
C SER A 133 -29.59 5.83 7.48
N MET A 134 -29.49 7.01 6.87
CA MET A 134 -28.57 8.04 7.38
C MET A 134 -28.96 8.52 8.79
N GLU A 135 -30.27 8.72 9.04
CA GLU A 135 -30.73 9.16 10.35
C GLU A 135 -30.48 8.13 11.45
N VAL A 136 -30.89 6.87 11.21
CA VAL A 136 -30.75 5.85 12.24
C VAL A 136 -29.34 5.32 12.39
N ASN A 137 -28.71 4.95 11.26
CA ASN A 137 -27.41 4.29 11.32
C ASN A 137 -26.25 5.24 11.55
N PHE A 138 -26.44 6.54 11.30
CA PHE A 138 -25.35 7.50 11.41
C PHE A 138 -25.67 8.65 12.33
N LEU A 139 -26.69 9.45 12.00
CA LEU A 139 -26.95 10.65 12.83
C LEU A 139 -27.26 10.32 14.28
N SER A 140 -28.03 9.25 14.54
CA SER A 140 -28.32 8.91 15.96
C SER A 140 -27.04 8.52 16.69
N TYR A 141 -26.04 7.93 15.99
CA TYR A 141 -24.76 7.57 16.64
C TYR A 141 -24.06 8.87 17.10
N VAL A 142 -24.14 9.92 16.28
CA VAL A 142 -23.54 11.23 16.62
C VAL A 142 -24.28 11.83 17.84
N VAL A 143 -25.62 11.81 17.82
CA VAL A 143 -26.41 12.34 18.94
C VAL A 143 -26.06 11.60 20.26
N LEU A 144 -25.98 10.27 20.19
CA LEU A 144 -25.64 9.43 21.37
C LEU A 144 -24.25 9.77 21.89
N THR A 145 -23.30 9.98 20.97
CA THR A 145 -21.92 10.34 21.33
C THR A 145 -21.88 11.68 22.05
N VAL A 146 -22.58 12.70 21.49
CA VAL A 146 -22.62 14.04 22.10
C VAL A 146 -23.21 13.91 23.53
N ALA A 147 -24.29 13.13 23.67
CA ALA A 147 -24.95 12.96 25.00
C ALA A 147 -24.06 12.23 26.00
N ALA A 148 -23.25 11.27 25.52
CA ALA A 148 -22.39 10.43 26.37
C ALA A 148 -21.04 11.04 26.70
N LEU A 149 -20.53 11.95 25.86
CA LEU A 149 -19.16 12.46 26.03
C LEU A 149 -18.78 13.01 27.41
N PRO A 150 -19.62 13.83 28.08
CA PRO A 150 -19.25 14.33 29.44
C PRO A 150 -18.93 13.19 30.41
N MET A 151 -19.76 12.13 30.44
CA MET A 151 -19.53 10.96 31.28
C MET A 151 -18.31 10.16 30.86
N LEU A 152 -18.10 9.98 29.54
CA LEU A 152 -16.95 9.25 29.04
C LEU A 152 -15.63 10.02 29.33
N LYS A 153 -15.67 11.36 29.31
CA LYS A 153 -14.50 12.20 29.63
C LYS A 153 -14.16 12.01 31.13
N GLN A 154 -15.19 11.94 31.98
CA GLN A 154 -15.00 11.70 33.42
C GLN A 154 -14.33 10.35 33.73
N SER A 155 -14.69 9.29 32.98
CA SER A 155 -14.17 7.95 33.19
C SER A 155 -12.97 7.55 32.28
N ASN A 156 -12.51 8.45 31.36
CA ASN A 156 -11.49 8.15 30.34
C ASN A 156 -11.98 6.91 29.57
N GLY A 157 -13.26 6.95 29.21
CA GLY A 157 -14.00 5.87 28.60
C GLY A 157 -13.76 5.60 27.14
N SER A 158 -14.71 4.85 26.53
CA SER A 158 -14.55 4.36 25.18
C SER A 158 -15.86 4.39 24.40
N ILE A 159 -15.78 4.70 23.11
CA ILE A 159 -16.90 4.65 22.15
C ILE A 159 -16.56 3.51 21.20
N VAL A 160 -17.52 2.60 20.96
CA VAL A 160 -17.34 1.47 20.09
C VAL A 160 -18.42 1.61 19.01
N VAL A 161 -17.99 1.71 17.76
CA VAL A 161 -18.91 1.94 16.61
C VAL A 161 -18.90 0.68 15.77
N VAL A 162 -20.07 0.06 15.60
CA VAL A 162 -20.17 -1.18 14.85
C VAL A 162 -20.38 -0.83 13.37
N SER A 163 -19.44 -1.28 12.54
CA SER A 163 -19.51 -1.01 11.11
C SER A 163 -19.45 -2.33 10.34
N SER A 164 -18.97 -2.28 9.12
CA SER A 164 -19.06 -3.42 8.22
C SER A 164 -17.96 -3.37 7.17
N LEU A 165 -17.69 -4.50 6.51
CA LEU A 165 -16.83 -4.47 5.32
C LEU A 165 -17.48 -3.53 4.31
N ALA A 166 -18.84 -3.44 4.28
CA ALA A 166 -19.58 -2.52 3.38
C ALA A 166 -19.42 -1.04 3.81
N GLY A 167 -18.65 -0.81 4.85
CA GLY A 167 -18.30 0.53 5.31
C GLY A 167 -16.85 0.86 4.97
N LYS A 168 -16.19 -0.02 4.21
CA LYS A 168 -14.77 0.15 3.79
C LYS A 168 -14.59 -0.12 2.31
N VAL A 169 -15.39 -1.00 1.73
CA VAL A 169 -15.36 -1.29 0.30
C VAL A 169 -16.81 -1.26 -0.20
N ALA A 170 -17.00 -1.20 -1.52
CA ALA A 170 -18.34 -1.08 -2.08
C ALA A 170 -18.95 -2.43 -2.35
N TYR A 171 -20.26 -2.52 -2.20
CA TYR A 171 -21.02 -3.76 -2.45
C TYR A 171 -22.31 -3.36 -3.14
N PRO A 172 -22.80 -4.13 -4.13
CA PRO A 172 -24.10 -3.81 -4.71
C PRO A 172 -25.23 -4.27 -3.75
N MET A 173 -26.46 -3.77 -3.97
CA MET A 173 -27.70 -4.14 -3.27
C MET A 173 -27.85 -3.55 -1.85
N VAL A 174 -26.83 -2.83 -1.35
CA VAL A 174 -26.84 -2.25 0.01
C VAL A 174 -26.39 -0.77 -0.06
N ALA A 175 -26.78 -0.04 -1.12
CA ALA A 175 -26.26 1.34 -1.28
C ALA A 175 -26.50 2.28 -0.11
N ALA A 176 -27.74 2.36 0.38
CA ALA A 176 -28.13 3.22 1.50
C ALA A 176 -27.35 2.81 2.77
N TYR A 177 -27.32 1.51 3.07
CA TYR A 177 -26.62 0.94 4.21
C TYR A 177 -25.12 1.28 4.12
N SER A 178 -24.50 1.01 2.95
CA SER A 178 -23.07 1.28 2.75
C SER A 178 -22.75 2.79 2.95
N ALA A 179 -23.56 3.68 2.41
CA ALA A 179 -23.35 5.13 2.55
C ALA A 179 -23.31 5.48 4.07
N SER A 180 -24.23 4.89 4.87
CA SER A 180 -24.31 5.20 6.30
C SER A 180 -23.07 4.66 7.04
N LYS A 181 -22.57 3.49 6.63
CA LYS A 181 -21.38 2.91 7.28
C LYS A 181 -20.11 3.66 6.90
N PHE A 182 -19.98 4.06 5.62
CA PHE A 182 -18.86 4.91 5.19
C PHE A 182 -18.90 6.25 5.98
N ALA A 183 -20.09 6.83 6.15
CA ALA A 183 -20.24 8.11 6.89
C ALA A 183 -19.67 7.98 8.32
N LEU A 184 -19.92 6.84 8.98
CA LEU A 184 -19.42 6.59 10.35
C LEU A 184 -17.90 6.65 10.36
N ASP A 185 -17.25 6.09 9.33
CA ASP A 185 -15.79 6.13 9.26
C ASP A 185 -15.30 7.56 9.13
N GLY A 186 -15.85 8.31 8.20
CA GLY A 186 -15.44 9.71 8.02
C GLY A 186 -15.62 10.52 9.28
N PHE A 187 -16.81 10.39 9.91
CA PHE A 187 -17.11 11.20 11.10
C PHE A 187 -16.24 10.80 12.29
N PHE A 188 -16.31 9.54 12.69
CA PHE A 188 -15.61 9.08 13.89
C PHE A 188 -14.10 9.11 13.75
N SER A 189 -13.59 8.89 12.52
CA SER A 189 -12.12 8.95 12.34
C SER A 189 -11.64 10.39 12.43
N SER A 190 -12.49 11.36 12.00
CA SER A 190 -12.15 12.80 12.11
C SER A 190 -12.10 13.23 13.57
N ILE A 191 -13.15 12.87 14.35
CA ILE A 191 -13.18 13.25 15.76
C ILE A 191 -12.10 12.54 16.54
N ARG A 192 -11.72 11.31 16.14
CA ARG A 192 -10.61 10.63 16.82
C ARG A 192 -9.32 11.50 16.75
N LYS A 193 -9.04 12.08 15.57
CA LYS A 193 -7.87 12.99 15.39
C LYS A 193 -8.00 14.22 16.23
N GLU A 194 -9.23 14.78 16.32
CA GLU A 194 -9.49 15.97 17.14
C GLU A 194 -9.27 15.66 18.62
N TYR A 195 -9.75 14.49 19.09
CA TYR A 195 -9.60 14.13 20.50
C TYR A 195 -8.12 13.96 20.88
N SER A 196 -7.32 13.43 19.95
CA SER A 196 -5.88 13.22 20.13
C SER A 196 -5.18 14.56 20.41
N VAL A 197 -5.43 15.57 19.57
CA VAL A 197 -4.80 16.88 19.74
C VAL A 197 -5.42 17.71 20.88
N SER A 198 -6.71 17.49 21.19
CA SER A 198 -7.41 18.24 22.23
C SER A 198 -7.31 17.57 23.61
N ARG A 199 -6.53 16.47 23.70
CA ARG A 199 -6.28 15.69 24.91
C ARG A 199 -7.57 15.15 25.56
N VAL A 200 -8.52 14.70 24.71
CA VAL A 200 -9.76 14.08 25.18
C VAL A 200 -9.41 12.59 25.20
N ASN A 201 -9.29 12.01 26.42
CA ASN A 201 -8.91 10.62 26.63
CA ASN A 201 -8.90 10.63 26.64
C ASN A 201 -10.08 9.66 26.51
N VAL A 202 -10.78 9.70 25.35
CA VAL A 202 -11.91 8.82 25.06
C VAL A 202 -11.54 8.10 23.78
N SER A 203 -11.45 6.76 23.84
CA SER A 203 -11.04 5.98 22.67
C SER A 203 -12.23 5.80 21.75
N ILE A 204 -11.96 5.64 20.45
CA ILE A 204 -12.97 5.39 19.43
C ILE A 204 -12.55 4.15 18.64
N THR A 205 -13.34 3.09 18.73
CA THR A 205 -13.07 1.82 18.05
C THR A 205 -14.09 1.62 16.95
N LEU A 206 -13.61 1.51 15.70
CA LEU A 206 -14.48 1.26 14.55
C LEU A 206 -14.36 -0.23 14.23
N CYS A 207 -15.48 -0.97 14.29
CA CYS A 207 -15.49 -2.42 14.10
C CYS A 207 -15.92 -2.77 12.69
N VAL A 208 -15.00 -3.31 11.92
CA VAL A 208 -15.25 -3.67 10.51
C VAL A 208 -15.54 -5.16 10.46
N LEU A 209 -16.83 -5.46 10.34
CA LEU A 209 -17.30 -6.85 10.35
C LEU A 209 -17.73 -7.31 8.98
N GLY A 210 -17.40 -8.57 8.70
CA GLY A 210 -17.89 -9.25 7.52
C GLY A 210 -19.23 -9.88 7.82
N LEU A 211 -19.67 -10.80 6.97
CA LEU A 211 -20.98 -11.46 7.18
C LEU A 211 -21.00 -12.28 8.46
N ILE A 212 -22.04 -12.04 9.29
CA ILE A 212 -22.27 -12.69 10.60
C ILE A 212 -23.58 -13.43 10.56
N ASP A 213 -23.61 -14.63 11.20
CA ASP A 213 -24.77 -15.52 11.16
C ASP A 213 -25.99 -15.12 11.99
N THR A 214 -26.33 -13.81 12.04
CA THR A 214 -27.53 -13.38 12.77
C THR A 214 -28.75 -13.80 11.97
N GLU A 215 -29.88 -14.04 12.65
CA GLU A 215 -31.12 -14.44 11.97
C GLU A 215 -31.52 -13.45 10.90
N THR A 216 -31.44 -12.15 11.19
CA THR A 216 -31.79 -11.10 10.24
C THR A 216 -30.94 -11.19 8.97
N ALA A 217 -29.59 -11.23 9.13
CA ALA A 217 -28.71 -11.25 7.97
C ALA A 217 -28.89 -12.51 7.14
N MET A 218 -28.98 -13.67 7.81
CA MET A 218 -29.12 -14.96 7.14
C MET A 218 -30.39 -15.05 6.29
N LYS A 219 -31.49 -14.51 6.81
CA LYS A 219 -32.74 -14.43 6.08
C LYS A 219 -32.62 -13.46 4.88
N ALA A 220 -31.98 -12.29 5.12
CA ALA A 220 -31.85 -11.29 4.06
C ALA A 220 -30.98 -11.76 2.87
N VAL A 221 -29.89 -12.50 3.14
CA VAL A 221 -28.94 -12.91 2.09
C VAL A 221 -29.31 -14.22 1.40
N SER A 222 -30.25 -14.99 2.00
CA SER A 222 -30.61 -16.32 1.50
C SER A 222 -30.89 -16.36 -0.01
N GLY A 223 -30.11 -17.19 -0.71
CA GLY A 223 -30.21 -17.38 -2.16
C GLY A 223 -29.55 -16.31 -3.01
N ILE A 224 -29.01 -15.23 -2.38
CA ILE A 224 -28.36 -14.10 -3.07
C ILE A 224 -26.86 -14.10 -2.82
N VAL A 225 -26.46 -14.12 -1.55
CA VAL A 225 -25.05 -14.05 -1.15
C VAL A 225 -24.65 -15.41 -0.56
N HIS A 226 -23.55 -16.00 -1.07
CA HIS A 226 -23.12 -17.34 -0.64
C HIS A 226 -21.82 -17.40 0.19
N MET A 227 -21.42 -16.26 0.72
CA MET A 227 -20.24 -16.09 1.57
C MET A 227 -20.39 -16.94 2.84
N GLN A 228 -19.28 -17.36 3.43
CA GLN A 228 -19.32 -18.08 4.70
C GLN A 228 -19.64 -17.00 5.78
N ALA A 229 -20.60 -17.25 6.68
CA ALA A 229 -20.92 -16.31 7.76
C ALA A 229 -20.17 -16.71 9.01
N ALA A 230 -19.65 -15.71 9.75
CA ALA A 230 -18.91 -15.95 10.98
C ALA A 230 -19.88 -16.03 12.17
N PRO A 231 -19.51 -16.73 13.27
CA PRO A 231 -20.46 -16.88 14.38
C PRO A 231 -20.68 -15.60 15.18
N LYS A 232 -21.97 -15.28 15.46
CA LYS A 232 -22.38 -14.06 16.19
C LYS A 232 -21.78 -13.94 17.59
N GLU A 233 -21.66 -15.08 18.31
CA GLU A 233 -21.11 -15.08 19.66
C GLU A 233 -19.63 -14.64 19.69
N GLU A 234 -18.78 -15.19 18.80
CA GLU A 234 -17.37 -14.80 18.70
C GLU A 234 -17.27 -13.35 18.20
N CYS A 235 -18.10 -12.99 17.22
CA CYS A 235 -18.12 -11.63 16.69
C CYS A 235 -18.31 -10.60 17.83
N ALA A 236 -19.32 -10.83 18.66
CA ALA A 236 -19.71 -9.96 19.77
C ALA A 236 -18.54 -9.79 20.75
N LEU A 237 -17.82 -10.90 21.04
CA LEU A 237 -16.68 -10.83 21.93
C LEU A 237 -15.52 -10.02 21.34
N GLU A 238 -15.25 -10.15 20.03
CA GLU A 238 -14.19 -9.42 19.36
C GLU A 238 -14.41 -7.91 19.39
N ILE A 239 -15.69 -7.49 19.31
CA ILE A 239 -16.06 -6.08 19.39
C ILE A 239 -15.70 -5.55 20.79
N ILE A 240 -16.17 -6.25 21.83
CA ILE A 240 -15.91 -5.87 23.24
C ILE A 240 -14.38 -5.81 23.50
N LYS A 241 -13.63 -6.83 23.04
CA LYS A 241 -12.17 -6.85 23.20
C LYS A 241 -11.52 -5.58 22.60
N GLY A 242 -11.94 -5.22 21.39
CA GLY A 242 -11.43 -4.05 20.68
C GLY A 242 -11.62 -2.77 21.47
N GLY A 243 -12.84 -2.60 22.00
CA GLY A 243 -13.18 -1.48 22.85
C GLY A 243 -12.38 -1.47 24.15
N ALA A 244 -12.26 -2.62 24.81
CA ALA A 244 -11.52 -2.73 26.10
C ALA A 244 -10.03 -2.40 25.92
N LEU A 245 -9.47 -2.81 24.78
CA LEU A 245 -8.07 -2.57 24.44
C LEU A 245 -7.83 -1.21 23.79
N ARG A 246 -8.90 -0.41 23.62
CA ARG A 246 -8.81 0.94 23.04
C ARG A 246 -8.21 0.92 21.62
N GLN A 247 -8.50 -0.14 20.87
CA GLN A 247 -7.98 -0.28 19.52
C GLN A 247 -8.74 0.68 18.60
N GLU A 248 -8.04 1.27 17.62
CA GLU A 248 -8.70 2.17 16.68
C GLU A 248 -9.67 1.42 15.78
N GLU A 249 -9.25 0.23 15.28
CA GLU A 249 -10.08 -0.59 14.39
C GLU A 249 -10.01 -2.06 14.74
N VAL A 250 -11.14 -2.76 14.57
CA VAL A 250 -11.27 -4.21 14.75
C VAL A 250 -11.68 -4.72 13.40
N TYR A 251 -11.08 -5.84 12.95
CA TYR A 251 -11.46 -6.47 11.69
C TYR A 251 -11.83 -7.90 12.01
N TYR A 252 -13.04 -8.31 11.62
CA TYR A 252 -13.51 -9.65 11.93
C TYR A 252 -14.26 -10.21 10.75
N ASP A 253 -13.71 -11.28 10.15
CA ASP A 253 -14.35 -11.92 8.99
C ASP A 253 -13.92 -13.39 8.94
N SER A 254 -14.74 -14.24 8.30
CA SER A 254 -14.46 -15.66 8.10
C SER A 254 -13.26 -15.91 7.16
N SER A 255 -13.01 -15.01 6.20
CA SER A 255 -11.97 -15.18 5.17
C SER A 255 -10.61 -14.62 5.53
N ARG A 256 -9.54 -15.41 5.27
CA ARG A 256 -8.17 -14.96 5.55
C ARG A 256 -7.71 -13.96 4.49
N TRP A 257 -8.30 -14.02 3.29
CA TRP A 257 -8.01 -13.07 2.22
C TRP A 257 -8.62 -11.71 2.51
N THR A 258 -9.78 -11.70 3.16
CA THR A 258 -10.43 -10.45 3.57
C THR A 258 -9.52 -9.82 4.62
N THR A 259 -9.12 -10.60 5.63
CA THR A 259 -8.21 -10.10 6.69
C THR A 259 -6.86 -9.62 6.13
N LEU A 260 -6.37 -10.25 5.06
CA LEU A 260 -5.11 -9.84 4.40
C LEU A 260 -5.25 -8.51 3.63
N LEU A 261 -6.44 -8.24 3.06
CA LEU A 261 -6.62 -7.09 2.17
C LEU A 261 -7.36 -5.89 2.73
N ILE A 262 -8.07 -6.08 3.84
CA ILE A 262 -8.92 -5.02 4.40
C ILE A 262 -8.22 -3.79 4.92
N ARG A 263 -7.04 -3.95 5.54
CA ARG A 263 -6.32 -2.81 6.10
C ARG A 263 -5.85 -1.87 4.98
N ASN A 264 -5.75 -0.60 5.32
CA ASN A 264 -5.30 0.41 4.37
C ASN A 264 -4.12 1.16 5.00
N PRO A 265 -2.90 0.57 4.92
CA PRO A 265 -1.73 1.25 5.51
C PRO A 265 -1.40 2.58 4.83
N CYS A 266 -1.70 2.70 3.51
CA CYS A 266 -1.45 3.96 2.79
C CYS A 266 -2.29 5.11 3.33
N ARG A 267 -3.51 4.81 3.77
CA ARG A 267 -4.36 5.84 4.38
C ARG A 267 -3.69 6.33 5.68
N LYS A 268 -3.18 5.41 6.53
CA LYS A 268 -2.50 5.80 7.78
C LYS A 268 -1.25 6.66 7.50
N ILE A 269 -0.48 6.30 6.46
CA ILE A 269 0.70 7.07 6.07
C ILE A 269 0.30 8.48 5.62
N LEU A 270 -0.71 8.61 4.72
CA LEU A 270 -1.17 9.93 4.27
C LEU A 270 -1.62 10.80 5.40
N GLU A 271 -2.43 10.25 6.34
CA GLU A 271 -2.90 11.03 7.48
C GLU A 271 -1.74 11.57 8.31
N GLU A 272 -0.72 10.75 8.50
CA GLU A 272 0.49 11.15 9.25
C GLU A 272 1.26 12.24 8.48
N LEU A 273 1.35 12.12 7.15
CA LEU A 273 2.02 13.14 6.32
C LEU A 273 1.29 14.46 6.37
N TYR A 274 -0.06 14.45 6.37
CA TYR A 274 -0.86 15.68 6.47
C TYR A 274 -0.93 16.26 7.90
N SER A 275 -0.57 15.47 8.94
CA SER A 275 -0.60 15.90 10.35
C SER A 275 0.33 17.11 10.61
N THR A 276 1.42 17.20 9.84
CA THR A 276 2.45 18.25 9.91
C THR A 276 1.94 19.63 9.48
N SER A 277 0.78 19.69 8.82
CA SER A 277 0.23 20.90 8.25
C SER A 277 -0.81 21.64 9.11
N TYR A 278 -0.91 21.31 10.44
CA TYR A 278 -1.90 21.92 11.35
C TYR A 278 -1.42 22.83 12.44
N ASN A 279 -2.28 23.85 12.69
CA ASN A 279 -2.27 24.74 13.84
C ASN A 279 -3.69 24.62 14.41
N MET A 280 -3.92 23.68 15.34
CA MET A 280 -5.24 23.50 15.95
C MET A 280 -5.34 24.20 17.32
N ASP A 281 -4.51 25.24 17.54
CA ASP A 281 -4.46 25.99 18.79
C ASP A 281 -5.61 26.98 18.86
N MET B 4 -26.68 22.32 -41.78
CA MET B 4 -25.52 21.43 -41.82
C MET B 4 -25.60 20.32 -40.76
N ALA B 5 -26.11 20.63 -39.54
CA ALA B 5 -26.26 19.67 -38.46
C ALA B 5 -27.07 18.43 -38.84
N SER B 6 -28.15 18.63 -39.65
CA SER B 6 -29.01 17.54 -40.11
C SER B 6 -28.30 16.65 -41.14
N MET B 7 -27.23 17.18 -41.76
CA MET B 7 -26.46 16.48 -42.79
C MET B 7 -25.13 15.94 -42.24
N THR B 8 -24.96 16.02 -40.90
CA THR B 8 -23.76 15.60 -40.17
C THR B 8 -24.07 14.50 -39.17
N GLY B 9 -23.17 13.55 -39.06
CA GLY B 9 -23.26 12.46 -38.07
C GLY B 9 -21.88 11.91 -37.77
N GLY B 10 -21.80 11.03 -36.79
CA GLY B 10 -20.53 10.45 -36.42
C GLY B 10 -20.28 10.36 -34.93
N GLN B 11 -19.04 10.02 -34.57
CA GLN B 11 -18.67 9.81 -33.18
C GLN B 11 -17.29 10.34 -32.87
N GLN B 12 -17.20 11.08 -31.76
CA GLN B 12 -15.93 11.60 -31.27
C GLN B 12 -15.14 10.51 -30.52
N MET B 13 -15.85 9.57 -29.88
CA MET B 13 -15.26 8.55 -29.02
C MET B 13 -14.82 7.27 -29.74
N GLY B 14 -13.72 7.36 -30.49
CA GLY B 14 -13.17 6.22 -31.21
C GLY B 14 -11.98 5.65 -30.49
N ARG B 15 -10.96 5.17 -31.24
CA ARG B 15 -9.76 4.56 -30.66
C ARG B 15 -8.95 5.55 -29.82
N GLY B 16 -8.63 5.15 -28.59
CA GLY B 16 -7.86 5.95 -27.65
C GLY B 16 -8.65 6.96 -26.85
N SER B 17 -9.97 7.03 -27.08
CA SER B 17 -10.88 7.96 -26.42
C SER B 17 -11.20 7.62 -24.95
N ASN B 18 -10.73 6.46 -24.46
CA ASN B 18 -10.93 6.07 -23.06
C ASN B 18 -9.71 6.54 -22.24
N GLU B 19 -8.64 6.97 -22.94
CA GLU B 19 -7.39 7.42 -22.33
C GLU B 19 -6.91 8.83 -22.73
N GLU B 20 -7.26 9.32 -23.93
CA GLU B 20 -6.80 10.65 -24.37
C GLU B 20 -7.94 11.64 -24.59
N PHE B 21 -8.04 12.66 -23.70
CA PHE B 21 -9.11 13.64 -23.78
C PHE B 21 -8.91 14.62 -24.93
N ARG B 22 -10.02 15.09 -25.53
CA ARG B 22 -10.01 16.18 -26.51
C ARG B 22 -11.16 17.07 -26.13
N PRO B 23 -10.99 18.41 -26.17
CA PRO B 23 -12.12 19.30 -25.82
C PRO B 23 -13.36 19.09 -26.70
N GLU B 24 -13.16 18.61 -27.95
CA GLU B 24 -14.27 18.34 -28.88
C GLU B 24 -15.20 17.23 -28.35
N MET B 25 -14.74 16.47 -27.34
CA MET B 25 -15.59 15.44 -26.72
C MET B 25 -16.80 16.04 -25.99
N LEU B 26 -16.74 17.35 -25.61
CA LEU B 26 -17.86 18.01 -24.95
C LEU B 26 -18.71 18.87 -25.91
N GLN B 27 -18.26 19.01 -27.15
CA GLN B 27 -18.96 19.81 -28.16
C GLN B 27 -20.40 19.32 -28.33
N GLY B 28 -21.35 20.20 -28.06
CA GLY B 28 -22.78 19.93 -28.16
C GLY B 28 -23.35 19.03 -27.09
N LYS B 29 -22.55 18.67 -26.06
CA LYS B 29 -23.03 17.83 -24.96
C LYS B 29 -23.87 18.69 -24.02
N LYS B 30 -24.92 18.09 -23.42
CA LYS B 30 -25.88 18.78 -22.55
C LYS B 30 -25.46 18.50 -21.11
N VAL B 31 -25.00 19.55 -20.40
CA VAL B 31 -24.39 19.37 -19.06
C VAL B 31 -25.02 20.24 -18.01
N ILE B 32 -25.27 19.64 -16.83
CA ILE B 32 -25.72 20.36 -15.65
C ILE B 32 -24.48 20.51 -14.77
N VAL B 33 -24.28 21.70 -14.17
CA VAL B 33 -23.22 21.95 -13.20
C VAL B 33 -23.91 22.57 -11.97
N THR B 34 -23.79 21.92 -10.80
CA THR B 34 -24.37 22.49 -9.59
C THR B 34 -23.26 23.22 -8.85
N GLY B 35 -23.64 24.13 -7.95
CA GLY B 35 -22.66 24.94 -7.20
C GLY B 35 -21.78 25.70 -8.18
N ALA B 36 -22.39 26.27 -9.23
CA ALA B 36 -21.64 26.88 -10.32
C ALA B 36 -21.56 28.39 -10.34
N SER B 37 -21.99 29.05 -9.24
CA SER B 37 -21.91 30.52 -9.17
C SER B 37 -20.49 30.96 -8.78
N LYS B 38 -19.71 30.06 -8.16
CA LYS B 38 -18.34 30.38 -7.74
C LYS B 38 -17.42 29.17 -7.70
N GLY B 39 -16.16 29.42 -7.36
CA GLY B 39 -15.14 28.38 -7.19
C GLY B 39 -14.98 27.43 -8.34
N ILE B 40 -14.84 26.14 -8.02
CA ILE B 40 -14.61 25.08 -9.01
C ILE B 40 -15.79 24.92 -10.00
N GLY B 41 -17.02 25.00 -9.48
CA GLY B 41 -18.23 24.87 -10.32
C GLY B 41 -18.30 25.92 -11.41
N ARG B 42 -17.99 27.18 -11.06
CA ARG B 42 -17.94 28.28 -12.02
C ARG B 42 -16.85 28.00 -13.07
N GLU B 43 -15.66 27.56 -12.64
CA GLU B 43 -14.58 27.22 -13.56
C GLU B 43 -14.99 26.07 -14.50
N MET B 44 -15.75 25.08 -13.99
CA MET B 44 -16.22 23.99 -14.87
C MET B 44 -17.18 24.52 -15.92
N ALA B 45 -18.13 25.39 -15.53
CA ALA B 45 -19.08 26.01 -16.48
C ALA B 45 -18.30 26.74 -17.61
N TYR B 46 -17.23 27.49 -17.23
CA TYR B 46 -16.40 28.22 -18.20
C TYR B 46 -15.65 27.28 -19.16
N HIS B 47 -15.08 26.16 -18.64
CA HIS B 47 -14.40 25.20 -19.51
C HIS B 47 -15.41 24.59 -20.49
N LEU B 48 -16.59 24.21 -19.97
CA LEU B 48 -17.64 23.60 -20.80
C LEU B 48 -18.10 24.56 -21.89
N ALA B 49 -18.22 25.85 -21.57
CA ALA B 49 -18.61 26.90 -22.52
C ALA B 49 -17.58 26.98 -23.66
N LYS B 50 -16.27 27.03 -23.31
CA LYS B 50 -15.16 27.08 -24.27
C LYS B 50 -15.18 25.85 -25.19
N MET B 51 -15.61 24.69 -24.67
CA MET B 51 -15.71 23.45 -25.43
C MET B 51 -16.98 23.40 -26.32
N GLY B 52 -17.86 24.39 -26.23
CA GLY B 52 -19.10 24.41 -27.00
C GLY B 52 -20.22 23.51 -26.52
N ALA B 53 -20.27 23.24 -25.20
CA ALA B 53 -21.34 22.44 -24.62
C ALA B 53 -22.57 23.30 -24.38
N HIS B 54 -23.71 22.64 -24.16
CA HIS B 54 -24.94 23.28 -23.71
C HIS B 54 -24.82 23.15 -22.19
N VAL B 55 -25.02 24.26 -21.46
CA VAL B 55 -24.90 24.23 -20.00
C VAL B 55 -26.14 24.75 -19.27
N VAL B 56 -26.47 24.13 -18.13
CA VAL B 56 -27.48 24.63 -17.22
C VAL B 56 -26.76 24.67 -15.88
N VAL B 57 -26.63 25.88 -15.31
CA VAL B 57 -25.95 26.10 -14.04
C VAL B 57 -26.93 26.39 -12.91
N THR B 58 -26.58 25.95 -11.69
CA THR B 58 -27.42 26.22 -10.52
C THR B 58 -26.56 26.52 -9.31
N ALA B 59 -27.17 27.24 -8.36
CA ALA B 59 -26.72 27.74 -7.06
C ALA B 59 -27.90 28.57 -6.52
N ARG B 60 -27.75 29.17 -5.34
CA ARG B 60 -28.83 29.97 -4.79
C ARG B 60 -28.84 31.39 -5.36
N SER B 61 -27.65 31.95 -5.65
CA SER B 61 -27.48 33.34 -6.10
C SER B 61 -27.86 33.62 -7.54
N LYS B 62 -29.08 34.15 -7.72
CA LYS B 62 -29.67 34.51 -9.01
C LYS B 62 -28.77 35.48 -9.78
N GLU B 63 -28.28 36.52 -9.10
CA GLU B 63 -27.45 37.58 -9.69
C GLU B 63 -26.09 37.06 -10.15
N THR B 64 -25.41 36.25 -9.32
CA THR B 64 -24.12 35.68 -9.68
C THR B 64 -24.28 34.68 -10.82
N LEU B 65 -25.35 33.83 -10.80
CA LEU B 65 -25.58 32.87 -11.89
C LEU B 65 -25.83 33.59 -13.21
N GLN B 66 -26.55 34.73 -13.16
CA GLN B 66 -26.82 35.59 -14.33
C GLN B 66 -25.50 35.93 -15.05
N LYS B 67 -24.48 36.37 -14.27
CA LYS B 67 -23.14 36.74 -14.71
C LYS B 67 -22.37 35.54 -15.27
N VAL B 68 -22.45 34.35 -14.62
CA VAL B 68 -21.80 33.15 -15.14
C VAL B 68 -22.38 32.78 -16.51
N VAL B 69 -23.72 32.80 -16.64
CA VAL B 69 -24.43 32.47 -17.89
C VAL B 69 -23.95 33.40 -19.01
N SER B 70 -23.93 34.73 -18.73
CA SER B 70 -23.49 35.73 -19.70
C SER B 70 -22.05 35.47 -20.19
N HIS B 71 -21.12 35.15 -19.25
CA HIS B 71 -19.74 34.81 -19.60
C HIS B 71 -19.63 33.51 -20.38
N CYS B 72 -20.48 32.49 -20.05
CA CYS B 72 -20.49 31.21 -20.80
C CYS B 72 -20.83 31.47 -22.27
N LEU B 73 -21.84 32.31 -22.50
CA LEU B 73 -22.25 32.66 -23.88
C LEU B 73 -21.09 33.36 -24.62
N GLU B 74 -20.40 34.32 -23.97
CA GLU B 74 -19.22 35.00 -24.55
C GLU B 74 -18.12 34.00 -24.92
N LEU B 75 -17.90 32.97 -24.06
CA LEU B 75 -16.85 31.96 -24.26
C LEU B 75 -17.12 30.95 -25.38
N GLY B 76 -18.36 30.88 -25.83
CA GLY B 76 -18.73 29.98 -26.92
C GLY B 76 -19.64 28.83 -26.59
N ALA B 77 -20.41 28.91 -25.48
CA ALA B 77 -21.35 27.83 -25.12
C ALA B 77 -22.42 27.73 -26.21
N ALA B 78 -22.85 26.48 -26.56
CA ALA B 78 -23.91 26.26 -27.55
C ALA B 78 -25.21 26.91 -27.05
N SER B 79 -25.40 26.89 -25.71
CA SER B 79 -26.50 27.53 -24.99
C SER B 79 -26.12 27.56 -23.52
N ALA B 80 -26.69 28.50 -22.77
CA ALA B 80 -26.43 28.63 -21.33
C ALA B 80 -27.64 29.17 -20.62
N HIS B 81 -28.05 28.49 -19.55
CA HIS B 81 -29.20 28.92 -18.75
C HIS B 81 -28.85 28.68 -17.31
N TYR B 82 -29.58 29.36 -16.41
CA TYR B 82 -29.45 29.10 -14.97
C TYR B 82 -30.82 28.87 -14.39
N ILE B 83 -30.87 28.18 -13.24
CA ILE B 83 -32.07 27.99 -12.45
C ILE B 83 -31.58 28.15 -11.03
N ALA B 84 -32.09 29.16 -10.30
CA ALA B 84 -31.64 29.41 -8.93
C ALA B 84 -32.51 28.70 -7.90
N GLY B 85 -31.87 28.19 -6.85
CA GLY B 85 -32.60 27.53 -5.77
C GLY B 85 -31.67 26.88 -4.77
N THR B 86 -32.23 26.44 -3.66
CA THR B 86 -31.44 25.77 -2.60
C THR B 86 -31.55 24.28 -2.66
N MET B 87 -30.38 23.60 -2.59
CA MET B 87 -30.33 22.13 -2.54
C MET B 87 -30.70 21.56 -1.16
N GLU B 88 -31.10 22.42 -0.23
CA GLU B 88 -31.66 21.98 1.05
C GLU B 88 -33.09 21.52 0.75
N ASP B 89 -33.68 22.03 -0.34
CA ASP B 89 -35.05 21.71 -0.75
C ASP B 89 -35.03 20.57 -1.77
N MET B 90 -35.42 19.36 -1.34
CA MET B 90 -35.39 18.15 -2.20
C MET B 90 -36.39 18.25 -3.34
N THR B 91 -37.49 19.04 -3.17
CA THR B 91 -38.46 19.27 -4.24
C THR B 91 -37.81 20.14 -5.31
N PHE B 92 -37.06 21.19 -4.91
CA PHE B 92 -36.31 22.02 -5.85
C PHE B 92 -35.33 21.14 -6.63
N ALA B 93 -34.53 20.29 -5.93
CA ALA B 93 -33.54 19.42 -6.61
C ALA B 93 -34.19 18.57 -7.71
N GLU B 94 -35.32 17.92 -7.38
CA GLU B 94 -36.04 17.05 -8.31
C GLU B 94 -36.57 17.84 -9.52
N GLN B 95 -37.24 18.97 -9.24
CA GLN B 95 -37.82 19.82 -10.29
C GLN B 95 -36.76 20.49 -11.14
N PHE B 96 -35.63 20.90 -10.52
CA PHE B 96 -34.50 21.49 -11.26
C PHE B 96 -34.04 20.61 -12.41
N VAL B 97 -33.82 19.31 -12.16
CA VAL B 97 -33.33 18.40 -13.22
C VAL B 97 -34.33 18.31 -14.39
N ALA B 98 -35.63 18.20 -14.08
CA ALA B 98 -36.67 18.15 -15.11
C ALA B 98 -36.63 19.43 -15.96
N GLN B 99 -36.53 20.60 -15.31
CA GLN B 99 -36.48 21.89 -16.02
C GLN B 99 -35.20 22.06 -16.84
N ALA B 100 -34.04 21.64 -16.28
CA ALA B 100 -32.77 21.72 -17.00
C ALA B 100 -32.79 20.84 -18.26
N GLY B 101 -33.33 19.62 -18.13
CA GLY B 101 -33.44 18.67 -19.22
C GLY B 101 -34.35 19.21 -20.31
N LYS B 102 -35.47 19.86 -19.91
CA LYS B 102 -36.43 20.48 -20.83
C LYS B 102 -35.76 21.61 -21.60
N LEU B 103 -34.95 22.45 -20.92
CA LEU B 103 -34.23 23.55 -21.56
C LEU B 103 -33.24 23.09 -22.63
N MET B 104 -32.53 21.98 -22.37
CA MET B 104 -31.51 21.47 -23.28
C MET B 104 -32.01 20.41 -24.25
N GLY B 105 -33.19 19.85 -23.99
CA GLY B 105 -33.73 18.76 -24.79
C GLY B 105 -33.03 17.45 -24.49
N GLY B 106 -32.62 17.26 -23.24
CA GLY B 106 -31.96 16.04 -22.78
C GLY B 106 -30.83 16.33 -21.82
N LEU B 107 -30.05 15.30 -21.51
CA LEU B 107 -28.93 15.40 -20.58
C LEU B 107 -27.88 14.34 -20.86
N ASP B 108 -26.62 14.79 -20.98
CA ASP B 108 -25.49 13.91 -21.22
C ASP B 108 -24.61 13.77 -19.99
N MET B 109 -24.48 14.83 -19.17
CA MET B 109 -23.58 14.77 -18.01
C MET B 109 -24.14 15.56 -16.86
N LEU B 110 -24.13 14.95 -15.66
CA LEU B 110 -24.64 15.57 -14.45
C LEU B 110 -23.44 15.78 -13.51
N ILE B 111 -23.04 17.05 -13.30
CA ILE B 111 -21.90 17.41 -12.45
C ILE B 111 -22.41 17.90 -11.12
N LEU B 112 -22.24 17.05 -10.09
CA LEU B 112 -22.72 17.31 -8.73
C LEU B 112 -21.54 17.84 -7.92
N ASN B 113 -21.59 19.15 -7.61
CA ASN B 113 -20.47 19.90 -7.04
C ASN B 113 -20.77 20.74 -5.80
N HIS B 114 -22.02 21.21 -5.64
CA HIS B 114 -22.40 22.07 -4.52
C HIS B 114 -22.18 21.41 -3.15
N ILE B 115 -21.94 22.24 -2.14
CA ILE B 115 -21.84 21.83 -0.73
C ILE B 115 -22.48 22.92 0.11
N THR B 116 -22.87 22.59 1.34
CA THR B 116 -23.38 23.59 2.27
C THR B 116 -22.21 24.38 2.83
N ASN B 117 -22.44 25.66 3.18
CA ASN B 117 -21.37 26.47 3.75
C ASN B 117 -20.83 25.82 5.02
N THR B 118 -19.51 25.71 5.12
CA THR B 118 -18.91 25.10 6.30
C THR B 118 -17.67 25.88 6.71
N SER B 119 -17.05 25.47 7.78
CA SER B 119 -15.85 26.12 8.31
C SER B 119 -15.07 25.06 9.09
N LEU B 120 -13.82 25.36 9.40
CA LEU B 120 -12.98 24.43 10.16
C LEU B 120 -13.20 24.69 11.63
N ASN B 121 -13.67 23.67 12.35
CA ASN B 121 -13.95 23.79 13.78
C ASN B 121 -13.92 22.42 14.40
N LEU B 122 -13.53 22.33 15.68
CA LEU B 122 -13.57 21.04 16.37
C LEU B 122 -15.04 20.69 16.54
N PHE B 123 -15.38 19.40 16.49
CA PHE B 123 -16.78 19.06 16.68
C PHE B 123 -17.10 18.98 18.18
N HIS B 124 -18.22 19.62 18.58
CA HIS B 124 -18.68 19.52 19.96
C HIS B 124 -20.13 19.10 20.02
N ASP B 125 -21.05 19.96 19.57
CA ASP B 125 -22.45 19.56 19.68
C ASP B 125 -23.32 20.10 18.55
N ASP B 126 -22.71 20.55 17.44
CA ASP B 126 -23.52 21.08 16.34
C ASP B 126 -24.07 19.97 15.45
N ILE B 127 -25.11 19.27 15.96
CA ILE B 127 -25.82 18.20 15.24
C ILE B 127 -26.54 18.78 14.04
N HIS B 128 -27.00 20.05 14.17
CA HIS B 128 -27.71 20.70 13.05
C HIS B 128 -26.80 20.83 11.85
N HIS B 129 -25.51 21.11 12.05
CA HIS B 129 -24.55 21.19 10.94
C HIS B 129 -24.28 19.79 10.36
N VAL B 130 -24.22 18.77 11.21
CA VAL B 130 -24.00 17.41 10.73
C VAL B 130 -25.17 16.99 9.83
N ARG B 131 -26.43 17.19 10.29
CA ARG B 131 -27.59 16.84 9.48
C ARG B 131 -27.66 17.65 8.19
N LYS B 132 -27.41 18.97 8.26
CA LYS B 132 -27.51 19.82 7.06
C LYS B 132 -26.45 19.41 6.04
N SER B 133 -25.22 19.10 6.53
CA SER B 133 -24.14 18.61 5.64
C SER B 133 -24.60 17.32 4.95
N MET B 134 -25.21 16.40 5.70
CA MET B 134 -25.69 15.14 5.09
C MET B 134 -26.81 15.40 4.05
N GLU B 135 -27.74 16.31 4.37
CA GLU B 135 -28.85 16.63 3.46
C GLU B 135 -28.35 17.29 2.16
N VAL B 136 -27.55 18.34 2.28
CA VAL B 136 -27.09 19.10 1.12
C VAL B 136 -25.98 18.38 0.33
N ASN B 137 -24.93 17.91 1.04
CA ASN B 137 -23.76 17.36 0.35
C ASN B 137 -23.95 15.95 -0.12
N PHE B 138 -24.94 15.22 0.43
CA PHE B 138 -25.12 13.82 0.10
C PHE B 138 -26.53 13.52 -0.41
N LEU B 139 -27.54 13.72 0.42
CA LEU B 139 -28.90 13.36 0.02
C LEU B 139 -29.39 14.07 -1.22
N SER B 140 -29.07 15.37 -1.37
CA SER B 140 -29.50 16.08 -2.60
C SER B 140 -28.83 15.49 -3.84
N TYR B 141 -27.58 14.97 -3.72
CA TYR B 141 -26.89 14.35 -4.85
C TYR B 141 -27.68 13.10 -5.29
N VAL B 142 -28.21 12.35 -4.32
CA VAL B 142 -29.00 11.13 -4.62
C VAL B 142 -30.32 11.54 -5.32
N VAL B 143 -30.99 12.57 -4.79
CA VAL B 143 -32.25 13.07 -5.37
C VAL B 143 -32.01 13.51 -6.83
N LEU B 144 -30.93 14.27 -7.07
CA LEU B 144 -30.57 14.75 -8.41
C LEU B 144 -30.31 13.59 -9.36
N THR B 145 -29.60 12.56 -8.87
CA THR B 145 -29.28 11.37 -9.66
C THR B 145 -30.57 10.62 -10.06
N VAL B 146 -31.47 10.43 -9.09
CA VAL B 146 -32.75 9.73 -9.37
C VAL B 146 -33.52 10.51 -10.44
N ALA B 147 -33.59 11.84 -10.31
CA ALA B 147 -34.29 12.70 -11.28
C ALA B 147 -33.65 12.67 -12.68
N ALA B 148 -32.31 12.55 -12.74
CA ALA B 148 -31.55 12.58 -13.99
C ALA B 148 -31.43 11.27 -14.70
N LEU B 149 -31.51 10.15 -13.96
CA LEU B 149 -31.23 8.85 -14.55
C LEU B 149 -31.97 8.47 -15.85
N PRO B 150 -33.31 8.73 -15.97
CA PRO B 150 -33.99 8.39 -17.25
C PRO B 150 -33.33 9.05 -18.46
N MET B 151 -32.98 10.36 -18.35
CA MET B 151 -32.29 11.10 -19.43
C MET B 151 -30.90 10.58 -19.68
N LEU B 152 -30.14 10.28 -18.60
CA LEU B 152 -28.78 9.76 -18.74
C LEU B 152 -28.78 8.36 -19.35
N LYS B 153 -29.81 7.53 -19.06
CA LYS B 153 -29.92 6.18 -19.64
C LYS B 153 -30.15 6.31 -21.15
N GLN B 154 -30.98 7.30 -21.55
CA GLN B 154 -31.27 7.57 -22.96
C GLN B 154 -30.02 7.98 -23.75
N SER B 155 -29.13 8.79 -23.14
CA SER B 155 -27.91 9.27 -23.79
C SER B 155 -26.63 8.45 -23.51
N ASN B 156 -26.71 7.35 -22.70
CA ASN B 156 -25.55 6.59 -22.23
C ASN B 156 -24.59 7.59 -21.57
N GLY B 157 -25.16 8.46 -20.75
CA GLY B 157 -24.51 9.59 -20.11
C GLY B 157 -23.60 9.31 -18.93
N SER B 158 -23.30 10.36 -18.17
CA SER B 158 -22.33 10.30 -17.09
C SER B 158 -22.73 11.12 -15.89
N ILE B 159 -22.44 10.61 -14.69
CA ILE B 159 -22.62 11.31 -13.41
C ILE B 159 -21.21 11.58 -12.90
N VAL B 160 -20.96 12.83 -12.48
CA VAL B 160 -19.66 13.26 -11.97
C VAL B 160 -19.92 13.77 -10.57
N VAL B 161 -19.26 13.14 -9.58
CA VAL B 161 -19.50 13.45 -8.16
C VAL B 161 -18.22 14.09 -7.62
N VAL B 162 -18.30 15.35 -7.18
CA VAL B 162 -17.13 16.04 -6.66
C VAL B 162 -16.94 15.70 -5.19
N SER B 163 -15.79 15.12 -4.88
CA SER B 163 -15.51 14.73 -3.49
C SER B 163 -14.17 15.36 -3.07
N SER B 164 -13.47 14.73 -2.14
CA SER B 164 -12.31 15.33 -1.51
C SER B 164 -11.38 14.27 -0.97
N LEU B 165 -10.12 14.65 -0.69
CA LEU B 165 -9.25 13.74 0.03
C LEU B 165 -9.90 13.43 1.40
N ALA B 166 -10.67 14.38 1.95
CA ALA B 166 -11.39 14.19 3.23
C ALA B 166 -12.60 13.24 3.06
N GLY B 167 -12.78 12.73 1.85
CA GLY B 167 -13.78 11.71 1.55
C GLY B 167 -13.12 10.35 1.34
N LYS B 168 -11.79 10.26 1.61
CA LYS B 168 -11.01 9.02 1.46
C LYS B 168 -10.12 8.74 2.68
N VAL B 169 -9.69 9.79 3.37
CA VAL B 169 -8.88 9.65 4.58
C VAL B 169 -9.46 10.62 5.60
N ALA B 170 -9.08 10.45 6.86
CA ALA B 170 -9.62 11.28 7.92
C ALA B 170 -8.84 12.56 8.10
N TYR B 171 -9.54 13.64 8.44
CA TYR B 171 -8.94 14.95 8.69
C TYR B 171 -9.66 15.56 9.88
N PRO B 172 -8.95 16.20 10.82
CA PRO B 172 -9.66 16.86 11.91
C PRO B 172 -10.28 18.16 11.41
N MET B 173 -11.23 18.72 12.20
CA MET B 173 -11.90 20.01 12.00
C MET B 173 -12.96 20.04 10.90
N VAL B 174 -13.17 18.90 10.21
CA VAL B 174 -14.15 18.82 9.09
C VAL B 174 -14.98 17.54 9.26
N ALA B 175 -15.34 17.17 10.52
CA ALA B 175 -16.04 15.88 10.73
C ALA B 175 -17.34 15.73 9.96
N ALA B 176 -18.23 16.74 10.03
CA ALA B 176 -19.53 16.68 9.31
C ALA B 176 -19.31 16.60 7.79
N TYR B 177 -18.40 17.44 7.27
CA TYR B 177 -18.07 17.49 5.86
C TYR B 177 -17.50 16.13 5.41
N SER B 178 -16.54 15.60 6.16
CA SER B 178 -15.90 14.30 5.85
C SER B 178 -16.93 13.18 5.83
N ALA B 179 -17.84 13.13 6.82
CA ALA B 179 -18.87 12.09 6.86
C ALA B 179 -19.70 12.14 5.55
N SER B 180 -20.06 13.36 5.10
CA SER B 180 -20.86 13.50 3.86
C SER B 180 -20.11 13.05 2.61
N LYS B 181 -18.78 13.30 2.57
CA LYS B 181 -17.96 12.90 1.41
C LYS B 181 -17.72 11.41 1.41
N PHE B 182 -17.48 10.82 2.61
CA PHE B 182 -17.34 9.35 2.68
C PHE B 182 -18.66 8.70 2.24
N ALA B 183 -19.80 9.25 2.66
CA ALA B 183 -21.13 8.71 2.29
C ALA B 183 -21.31 8.66 0.78
N LEU B 184 -20.84 9.69 0.05
CA LEU B 184 -20.91 9.73 -1.42
C LEU B 184 -20.14 8.54 -2.02
N ASP B 185 -18.98 8.22 -1.48
CA ASP B 185 -18.20 7.09 -1.98
C ASP B 185 -18.96 5.78 -1.78
N GLY B 186 -19.47 5.54 -0.56
CA GLY B 186 -20.19 4.29 -0.31
C GLY B 186 -21.40 4.18 -1.22
N PHE B 187 -22.18 5.26 -1.33
CA PHE B 187 -23.41 5.21 -2.12
C PHE B 187 -23.14 5.03 -3.61
N PHE B 188 -22.38 5.96 -4.20
CA PHE B 188 -22.12 5.94 -5.64
C PHE B 188 -21.29 4.76 -6.10
N SER B 189 -20.38 4.27 -5.24
CA SER B 189 -19.58 3.09 -5.61
C SER B 189 -20.46 1.84 -5.60
N SER B 190 -21.48 1.79 -4.72
CA SER B 190 -22.42 0.65 -4.66
C SER B 190 -23.30 0.64 -5.91
N ILE B 191 -23.88 1.81 -6.26
CA ILE B 191 -24.74 1.87 -7.45
C ILE B 191 -23.94 1.64 -8.73
N ARG B 192 -22.63 2.02 -8.73
CA ARG B 192 -21.81 1.71 -9.92
C ARG B 192 -21.82 0.18 -10.19
N LYS B 193 -21.67 -0.61 -9.11
CA LYS B 193 -21.69 -2.09 -9.23
C LYS B 193 -23.05 -2.60 -9.66
N GLU B 194 -24.14 -1.98 -9.17
CA GLU B 194 -25.50 -2.33 -9.55
C GLU B 194 -25.77 -2.01 -11.03
N TYR B 195 -25.28 -0.86 -11.52
CA TYR B 195 -25.45 -0.48 -12.94
C TYR B 195 -24.73 -1.46 -13.86
N SER B 196 -23.57 -1.97 -13.40
CA SER B 196 -22.78 -2.95 -14.17
C SER B 196 -23.58 -4.22 -14.40
N VAL B 197 -24.19 -4.77 -13.34
CA VAL B 197 -24.99 -6.00 -13.47
C VAL B 197 -26.36 -5.77 -14.12
N SER B 198 -26.94 -4.56 -13.98
CA SER B 198 -28.23 -4.24 -14.54
C SER B 198 -28.14 -3.65 -15.97
N ARG B 199 -26.92 -3.61 -16.53
CA ARG B 199 -26.60 -3.09 -17.88
C ARG B 199 -27.07 -1.64 -18.10
N VAL B 200 -26.89 -0.80 -17.07
CA VAL B 200 -27.21 0.62 -17.12
C VAL B 200 -25.89 1.29 -17.56
N ASN B 201 -25.87 1.80 -18.79
CA ASN B 201 -24.66 2.39 -19.39
C ASN B 201 -24.50 3.87 -19.03
N VAL B 202 -24.43 4.14 -17.72
CA VAL B 202 -24.25 5.48 -17.17
C VAL B 202 -22.99 5.39 -16.29
N SER B 203 -21.96 6.15 -16.64
CA SER B 203 -20.71 6.12 -15.89
C SER B 203 -20.84 6.99 -14.65
N ILE B 204 -20.06 6.65 -13.62
CA ILE B 204 -20.03 7.38 -12.35
C ILE B 204 -18.57 7.68 -12.06
N THR B 205 -18.24 8.96 -11.99
CA THR B 205 -16.87 9.42 -11.74
C THR B 205 -16.82 10.10 -10.38
N LEU B 206 -16.04 9.56 -9.46
CA LEU B 206 -15.85 10.17 -8.13
C LEU B 206 -14.54 10.96 -8.16
N CYS B 207 -14.60 12.28 -7.91
CA CYS B 207 -13.43 13.17 -8.01
C CYS B 207 -12.85 13.45 -6.65
N VAL B 208 -11.65 12.94 -6.40
CA VAL B 208 -10.99 13.07 -5.10
C VAL B 208 -10.00 14.22 -5.21
N LEU B 209 -10.41 15.37 -4.67
CA LEU B 209 -9.62 16.60 -4.73
C LEU B 209 -8.98 16.95 -3.42
N GLY B 210 -7.74 17.44 -3.51
CA GLY B 210 -7.05 18.00 -2.37
C GLY B 210 -7.38 19.47 -2.23
N LEU B 211 -6.61 20.23 -1.44
CA LEU B 211 -6.87 21.66 -1.25
C LEU B 211 -6.77 22.45 -2.58
N ILE B 212 -7.81 23.24 -2.90
CA ILE B 212 -7.93 24.05 -4.12
C ILE B 212 -8.04 25.52 -3.75
N ASP B 213 -7.38 26.39 -4.53
CA ASP B 213 -7.32 27.81 -4.25
C ASP B 213 -8.62 28.64 -4.47
N THR B 214 -9.80 28.09 -4.14
CA THR B 214 -11.06 28.86 -4.27
C THR B 214 -11.10 29.89 -3.16
N GLU B 215 -11.81 31.00 -3.39
CA GLU B 215 -11.92 32.07 -2.38
C GLU B 215 -12.46 31.55 -1.05
N THR B 216 -13.51 30.69 -1.12
CA THR B 216 -14.08 30.10 0.08
C THR B 216 -13.07 29.28 0.88
N ALA B 217 -12.39 28.33 0.23
CA ALA B 217 -11.42 27.46 0.92
C ALA B 217 -10.26 28.25 1.51
N MET B 218 -9.72 29.21 0.73
CA MET B 218 -8.56 30.01 1.18
C MET B 218 -8.88 30.83 2.43
N LYS B 219 -10.08 31.40 2.48
CA LYS B 219 -10.56 32.12 3.65
C LYS B 219 -10.75 31.16 4.84
N ALA B 220 -11.35 29.96 4.58
CA ALA B 220 -11.63 29.02 5.64
C ALA B 220 -10.38 28.45 6.30
N VAL B 221 -9.31 28.20 5.52
CA VAL B 221 -8.12 27.56 6.08
C VAL B 221 -7.13 28.52 6.67
N SER B 222 -7.28 29.82 6.37
CA SER B 222 -6.34 30.87 6.79
C SER B 222 -5.95 30.79 8.26
N GLY B 223 -4.66 30.58 8.52
CA GLY B 223 -4.08 30.50 9.86
C GLY B 223 -4.27 29.18 10.58
N ILE B 224 -4.96 28.20 9.95
CA ILE B 224 -5.27 26.90 10.55
C ILE B 224 -4.56 25.77 9.81
N VAL B 225 -4.69 25.74 8.48
CA VAL B 225 -4.13 24.71 7.60
C VAL B 225 -3.07 25.35 6.75
N HIS B 226 -1.86 24.83 6.84
CA HIS B 226 -0.75 25.34 6.06
C HIS B 226 -0.37 24.28 5.05
N MET B 227 -1.13 24.21 3.96
CA MET B 227 -0.92 23.25 2.86
C MET B 227 -0.85 24.03 1.58
N GLN B 228 -0.16 23.48 0.58
CA GLN B 228 -0.10 24.09 -0.74
C GLN B 228 -1.46 23.84 -1.44
N ALA B 229 -2.10 24.89 -2.00
CA ALA B 229 -3.38 24.76 -2.71
C ALA B 229 -3.14 24.65 -4.20
N ALA B 230 -3.93 23.81 -4.88
CA ALA B 230 -3.81 23.61 -6.33
C ALA B 230 -4.70 24.61 -7.08
N PRO B 231 -4.39 24.95 -8.35
CA PRO B 231 -5.20 25.98 -9.04
C PRO B 231 -6.60 25.49 -9.45
N LYS B 232 -7.63 26.31 -9.17
CA LYS B 232 -9.04 25.99 -9.46
C LYS B 232 -9.32 25.75 -10.94
N GLU B 233 -8.64 26.51 -11.85
CA GLU B 233 -8.89 26.33 -13.29
C GLU B 233 -8.47 24.94 -13.78
N GLU B 234 -7.27 24.47 -13.42
CA GLU B 234 -6.76 23.15 -13.79
C GLU B 234 -7.60 22.07 -13.12
N CYS B 235 -7.97 22.30 -11.86
CA CYS B 235 -8.82 21.37 -11.11
C CYS B 235 -10.11 21.09 -11.88
N ALA B 236 -10.81 22.16 -12.27
CA ALA B 236 -12.08 22.07 -12.98
C ALA B 236 -11.96 21.30 -14.29
N LEU B 237 -10.84 21.49 -15.03
CA LEU B 237 -10.62 20.76 -16.27
C LEU B 237 -10.40 19.28 -16.02
N GLU B 238 -9.64 18.92 -14.96
CA GLU B 238 -9.39 17.51 -14.65
C GLU B 238 -10.69 16.76 -14.30
N ILE B 239 -11.64 17.44 -13.65
CA ILE B 239 -12.95 16.87 -13.32
C ILE B 239 -13.70 16.54 -14.63
N ILE B 240 -13.79 17.52 -15.52
CA ILE B 240 -14.46 17.34 -16.83
C ILE B 240 -13.83 16.20 -17.62
N LYS B 241 -12.45 16.17 -17.68
CA LYS B 241 -11.74 15.09 -18.39
C LYS B 241 -12.11 13.72 -17.88
N GLY B 242 -12.13 13.54 -16.56
CA GLY B 242 -12.48 12.25 -15.98
C GLY B 242 -13.88 11.80 -16.33
N GLY B 243 -14.84 12.71 -16.27
CA GLY B 243 -16.22 12.45 -16.64
C GLY B 243 -16.33 12.07 -18.11
N ALA B 244 -15.67 12.84 -18.99
CA ALA B 244 -15.66 12.59 -20.44
C ALA B 244 -15.05 11.23 -20.80
N LEU B 245 -13.98 10.83 -20.10
CA LEU B 245 -13.32 9.54 -20.33
C LEU B 245 -14.00 8.40 -19.58
N ARG B 246 -15.10 8.69 -18.80
CA ARG B 246 -15.87 7.69 -18.05
C ARG B 246 -14.97 6.98 -17.02
N GLN B 247 -14.04 7.72 -16.42
CA GLN B 247 -13.14 7.15 -15.42
C GLN B 247 -13.92 6.96 -14.11
N GLU B 248 -13.62 5.87 -13.38
CA GLU B 248 -14.31 5.65 -12.11
C GLU B 248 -13.89 6.67 -11.06
N GLU B 249 -12.59 7.00 -11.02
CA GLU B 249 -12.07 7.99 -10.06
C GLU B 249 -11.06 8.93 -10.68
N VAL B 250 -11.07 10.19 -10.22
CA VAL B 250 -10.12 11.24 -10.62
C VAL B 250 -9.42 11.64 -9.32
N TYR B 251 -8.10 11.79 -9.35
CA TYR B 251 -7.35 12.25 -8.19
C TYR B 251 -6.60 13.49 -8.61
N TYR B 252 -6.75 14.56 -7.85
CA TYR B 252 -6.10 15.81 -8.17
C TYR B 252 -5.64 16.51 -6.90
N ASP B 253 -4.31 16.66 -6.75
CA ASP B 253 -3.75 17.31 -5.57
C ASP B 253 -2.39 17.90 -5.92
N SER B 254 -1.97 18.95 -5.18
CA SER B 254 -0.68 19.62 -5.39
C SER B 254 0.50 18.71 -5.14
N SER B 255 0.35 17.77 -4.19
CA SER B 255 1.42 16.88 -3.79
C SER B 255 1.56 15.60 -4.58
N ARG B 256 2.79 15.35 -5.10
CA ARG B 256 3.10 14.13 -5.84
C ARG B 256 3.01 12.92 -4.88
N TRP B 257 3.21 13.14 -3.58
CA TRP B 257 3.14 12.08 -2.57
C TRP B 257 1.69 11.62 -2.37
N THR B 258 0.75 12.58 -2.36
CA THR B 258 -0.67 12.27 -2.25
C THR B 258 -1.08 11.40 -3.42
N THR B 259 -0.75 11.85 -4.65
CA THR B 259 -1.12 11.11 -5.87
C THR B 259 -0.45 9.75 -5.90
N LEU B 260 0.69 9.59 -5.24
CA LEU B 260 1.36 8.27 -5.16
C LEU B 260 0.64 7.31 -4.18
N LEU B 261 0.05 7.86 -3.08
CA LEU B 261 -0.51 7.03 -2.00
C LEU B 261 -2.01 6.92 -1.89
N ILE B 262 -2.75 7.82 -2.54
CA ILE B 262 -4.22 7.88 -2.43
C ILE B 262 -4.98 6.67 -2.97
N ARG B 263 -4.47 6.03 -4.05
CA ARG B 263 -5.15 4.88 -4.62
C ARG B 263 -5.14 3.71 -3.63
N ASN B 264 -6.17 2.88 -3.68
CA ASN B 264 -6.29 1.76 -2.75
C ASN B 264 -6.46 0.49 -3.56
N PRO B 265 -5.35 -0.10 -4.05
CA PRO B 265 -5.47 -1.34 -4.85
C PRO B 265 -6.09 -2.50 -4.08
N CYS B 266 -5.88 -2.58 -2.75
CA CYS B 266 -6.47 -3.66 -1.93
C CYS B 266 -7.98 -3.61 -1.95
N ARG B 267 -8.55 -2.40 -1.96
CA ARG B 267 -10.01 -2.29 -2.04
C ARG B 267 -10.51 -2.83 -3.40
N LYS B 268 -9.82 -2.49 -4.51
CA LYS B 268 -10.21 -2.98 -5.84
C LYS B 268 -10.12 -4.52 -5.91
N ILE B 269 -9.06 -5.11 -5.35
CA ILE B 269 -8.89 -6.57 -5.29
C ILE B 269 -10.02 -7.22 -4.49
N LEU B 270 -10.31 -6.71 -3.26
CA LEU B 270 -11.40 -7.26 -2.46
C LEU B 270 -12.73 -7.20 -3.15
N GLU B 271 -13.06 -6.05 -3.78
CA GLU B 271 -14.34 -5.94 -4.50
C GLU B 271 -14.45 -6.97 -5.61
N GLU B 272 -13.36 -7.21 -6.33
CA GLU B 272 -13.32 -8.22 -7.39
C GLU B 272 -13.49 -9.63 -6.81
N LEU B 273 -12.88 -9.92 -5.65
CA LEU B 273 -13.04 -11.22 -4.99
C LEU B 273 -14.51 -11.44 -4.56
N TYR B 274 -15.16 -10.39 -3.99
CA TYR B 274 -16.56 -10.47 -3.57
C TYR B 274 -17.56 -10.40 -4.76
N SER B 275 -17.11 -9.98 -5.97
CA SER B 275 -18.01 -9.86 -7.14
C SER B 275 -18.61 -11.20 -7.57
N THR B 276 -17.93 -12.29 -7.25
CA THR B 276 -18.34 -13.66 -7.58
C THR B 276 -19.14 -14.30 -6.42
N SER B 277 -19.20 -13.61 -5.25
CA SER B 277 -19.86 -14.08 -4.03
C SER B 277 -21.39 -13.97 -4.03
N TYR B 278 -21.99 -13.52 -5.14
CA TYR B 278 -23.43 -13.39 -5.24
C TYR B 278 -24.11 -14.01 -6.46
N ASN B 279 -25.45 -14.11 -6.38
CA ASN B 279 -26.34 -14.59 -7.43
C ASN B 279 -27.40 -13.50 -7.53
N MET B 280 -27.19 -12.53 -8.43
CA MET B 280 -28.12 -11.40 -8.61
C MET B 280 -29.16 -11.62 -9.70
N ASP B 281 -29.31 -12.87 -10.16
CA ASP B 281 -30.27 -13.25 -11.19
C ASP B 281 -31.73 -12.85 -10.99
N ARG B 282 -32.19 -12.76 -9.72
CA ARG B 282 -33.57 -12.34 -9.42
C ARG B 282 -33.75 -10.82 -9.61
N PHE B 283 -32.64 -10.06 -9.73
CA PHE B 283 -32.66 -8.61 -9.90
C PHE B 283 -32.47 -8.19 -11.35
N ILE B 284 -31.73 -9.01 -12.13
CA ILE B 284 -31.43 -8.79 -13.55
C ILE B 284 -32.51 -9.41 -14.43
N MET C 4 24.19 -27.61 40.27
CA MET C 4 22.82 -27.10 40.23
C MET C 4 22.23 -27.12 38.81
N ALA C 5 23.06 -26.81 37.79
CA ALA C 5 22.66 -26.79 36.37
C ALA C 5 22.04 -28.11 35.92
N SER C 6 22.59 -29.26 36.40
CA SER C 6 22.09 -30.59 36.08
C SER C 6 20.72 -30.87 36.72
N MET C 7 20.38 -30.11 37.78
CA MET C 7 19.12 -30.24 38.52
C MET C 7 18.11 -29.14 38.17
N THR C 8 18.44 -28.34 37.13
CA THR C 8 17.65 -27.22 36.62
C THR C 8 17.19 -27.48 35.18
N GLY C 9 15.97 -27.07 34.88
CA GLY C 9 15.37 -27.17 33.56
C GLY C 9 14.29 -26.13 33.42
N GLY C 10 13.82 -25.91 32.19
CA GLY C 10 12.77 -24.94 31.95
C GLY C 10 12.98 -24.07 30.73
N GLN C 11 12.05 -23.12 30.53
CA GLN C 11 12.03 -22.26 29.36
C GLN C 11 11.69 -20.82 29.66
N GLN C 12 12.44 -19.90 29.05
CA GLN C 12 12.24 -18.45 29.17
C GLN C 12 11.12 -17.97 28.26
N MET C 13 10.89 -18.68 27.15
CA MET C 13 9.93 -18.31 26.12
C MET C 13 8.48 -18.79 26.35
N GLY C 14 7.80 -18.17 27.30
CA GLY C 14 6.41 -18.50 27.61
C GLY C 14 5.44 -17.50 27.01
N ARG C 15 4.34 -17.18 27.74
CA ARG C 15 3.32 -16.23 27.27
C ARG C 15 3.89 -14.82 27.14
N GLY C 16 3.66 -14.21 25.96
CA GLY C 16 4.11 -12.85 25.65
C GLY C 16 5.55 -12.74 25.21
N SER C 17 6.26 -13.89 25.11
CA SER C 17 7.66 -13.93 24.71
C SER C 17 7.93 -13.67 23.22
N ASN C 18 6.86 -13.58 22.40
CA ASN C 18 7.00 -13.28 20.97
C ASN C 18 6.83 -11.75 20.76
N GLU C 19 6.49 -11.05 21.87
CA GLU C 19 6.25 -9.61 21.90
C GLU C 19 7.13 -8.84 22.88
N GLU C 20 7.37 -9.40 24.09
CA GLU C 20 8.10 -8.67 25.12
C GLU C 20 9.47 -9.25 25.42
N PHE C 21 10.51 -8.52 25.02
CA PHE C 21 11.87 -8.95 25.23
C PHE C 21 12.31 -8.81 26.69
N ARG C 22 13.13 -9.75 27.14
CA ARG C 22 13.79 -9.69 28.45
C ARG C 22 15.23 -10.17 28.25
N PRO C 23 16.22 -9.54 28.88
CA PRO C 23 17.61 -9.99 28.69
C PRO C 23 17.88 -11.44 29.07
N GLU C 24 17.09 -12.01 30.02
CA GLU C 24 17.21 -13.41 30.44
C GLU C 24 16.94 -14.37 29.27
N MET C 25 16.33 -13.88 28.17
CA MET C 25 16.08 -14.70 26.99
C MET C 25 17.36 -15.19 26.33
N LEU C 26 18.49 -14.49 26.56
CA LEU C 26 19.80 -14.85 26.00
C LEU C 26 20.69 -15.60 27.00
N GLN C 27 20.23 -15.71 28.26
CA GLN C 27 21.00 -16.39 29.28
C GLN C 27 21.31 -17.85 28.90
N GLY C 28 22.59 -18.14 28.79
CA GLY C 28 23.07 -19.47 28.42
C GLY C 28 22.95 -19.83 26.96
N LYS C 29 22.50 -18.88 26.12
CA LYS C 29 22.36 -19.13 24.67
C LYS C 29 23.75 -19.09 24.02
N LYS C 30 23.96 -19.91 22.98
CA LYS C 30 25.25 -20.06 22.29
C LYS C 30 25.17 -19.21 21.02
N VAL C 31 25.94 -18.13 20.98
CA VAL C 31 25.82 -17.13 19.92
C VAL C 31 27.15 -16.86 19.22
N ILE C 32 27.09 -16.81 17.89
CA ILE C 32 28.21 -16.36 17.05
C ILE C 32 27.90 -14.91 16.67
N VAL C 33 28.91 -14.03 16.75
CA VAL C 33 28.80 -12.63 16.27
C VAL C 33 29.98 -12.43 15.31
N THR C 34 29.70 -12.10 14.03
CA THR C 34 30.77 -11.80 13.10
C THR C 34 30.98 -10.30 13.05
N GLY C 35 32.14 -9.86 12.57
CA GLY C 35 32.47 -8.44 12.53
C GLY C 35 32.37 -7.82 13.92
N ALA C 36 32.88 -8.54 14.93
CA ALA C 36 32.69 -8.16 16.33
C ALA C 36 33.90 -7.51 17.01
N SER C 37 34.90 -7.11 16.24
CA SER C 37 36.08 -6.46 16.84
C SER C 37 35.80 -4.95 17.04
N LYS C 38 34.80 -4.40 16.32
CA LYS C 38 34.47 -2.98 16.43
C LYS C 38 33.01 -2.68 16.09
N GLY C 39 32.64 -1.41 16.23
CA GLY C 39 31.32 -0.90 15.87
C GLY C 39 30.15 -1.65 16.46
N ILE C 40 29.14 -1.93 15.63
CA ILE C 40 27.89 -2.59 16.10
C ILE C 40 28.13 -4.02 16.60
N GLY C 41 28.96 -4.78 15.90
CA GLY C 41 29.29 -6.16 16.27
C GLY C 41 29.89 -6.26 17.66
N ARG C 42 30.83 -5.35 17.98
CA ARG C 42 31.45 -5.31 19.31
C ARG C 42 30.38 -4.99 20.36
N GLU C 43 29.50 -4.02 20.06
CA GLU C 43 28.41 -3.66 20.97
C GLU C 43 27.48 -4.86 21.20
N MET C 44 27.21 -5.66 20.16
CA MET C 44 26.35 -6.84 20.32
C MET C 44 27.02 -7.88 21.22
N ALA C 45 28.34 -8.12 21.02
CA ALA C 45 29.09 -9.05 21.88
C ALA C 45 28.99 -8.62 23.37
N TYR C 46 29.12 -7.30 23.63
CA TYR C 46 29.03 -6.74 24.99
C TYR C 46 27.64 -6.92 25.59
N HIS C 47 26.57 -6.66 24.81
CA HIS C 47 25.20 -6.88 25.30
C HIS C 47 25.00 -8.36 25.63
N LEU C 48 25.45 -9.24 24.72
CA LEU C 48 25.29 -10.70 24.92
C LEU C 48 26.03 -11.16 26.17
N ALA C 49 27.22 -10.60 26.42
CA ALA C 49 28.02 -10.92 27.61
C ALA C 49 27.25 -10.55 28.87
N LYS C 50 26.70 -9.32 28.93
CA LYS C 50 25.89 -8.81 30.05
C LYS C 50 24.69 -9.70 30.30
N MET C 51 24.10 -10.28 29.23
CA MET C 51 22.94 -11.17 29.33
C MET C 51 23.33 -12.60 29.74
N GLY C 52 24.63 -12.88 29.87
CA GLY C 52 25.13 -14.20 30.26
C GLY C 52 25.10 -15.27 29.19
N ALA C 53 25.22 -14.85 27.90
CA ALA C 53 25.29 -15.80 26.79
C ALA C 53 26.69 -16.37 26.68
N HIS C 54 26.82 -17.45 25.91
CA HIS C 54 28.09 -18.02 25.51
C HIS C 54 28.33 -17.33 24.17
N VAL C 55 29.51 -16.73 23.96
CA VAL C 55 29.81 -16.05 22.70
C VAL C 55 31.07 -16.53 22.01
N VAL C 56 31.02 -16.57 20.67
CA VAL C 56 32.19 -16.80 19.86
C VAL C 56 32.20 -15.62 18.89
N VAL C 57 33.24 -14.79 18.96
CA VAL C 57 33.38 -13.58 18.13
C VAL C 57 34.42 -13.79 17.05
N THR C 58 34.20 -13.14 15.90
CA THR C 58 35.15 -13.22 14.81
C THR C 58 35.27 -11.87 14.08
N ALA C 59 36.41 -11.69 13.44
CA ALA C 59 36.90 -10.58 12.63
C ALA C 59 38.34 -10.98 12.25
N ARG C 60 39.05 -10.11 11.53
CA ARG C 60 40.41 -10.43 11.12
C ARG C 60 41.42 -10.16 12.23
N SER C 61 41.19 -9.13 13.04
CA SER C 61 42.14 -8.64 14.07
C SER C 61 42.16 -9.49 15.34
N LYS C 62 43.15 -10.41 15.47
CA LYS C 62 43.32 -11.26 16.65
C LYS C 62 43.46 -10.42 17.93
N GLU C 63 44.34 -9.40 17.92
CA GLU C 63 44.59 -8.53 19.09
C GLU C 63 43.33 -7.79 19.56
N THR C 64 42.52 -7.27 18.63
CA THR C 64 41.28 -6.59 19.01
C THR C 64 40.26 -7.58 19.53
N LEU C 65 40.14 -8.75 18.89
CA LEU C 65 39.20 -9.80 19.32
C LEU C 65 39.52 -10.28 20.75
N GLN C 66 40.83 -10.41 21.10
CA GLN C 66 41.21 -10.81 22.46
C GLN C 66 40.69 -9.81 23.49
N LYS C 67 40.81 -8.51 23.19
CA LYS C 67 40.36 -7.43 24.07
C LYS C 67 38.85 -7.52 24.25
N VAL C 68 38.11 -7.83 23.16
CA VAL C 68 36.66 -8.01 23.22
C VAL C 68 36.30 -9.21 24.09
N VAL C 69 36.99 -10.34 23.89
CA VAL C 69 36.76 -11.56 24.69
C VAL C 69 37.02 -11.27 26.17
N SER C 70 38.15 -10.60 26.49
CA SER C 70 38.45 -10.23 27.89
C SER C 70 37.35 -9.39 28.54
N HIS C 71 36.84 -8.37 27.82
CA HIS C 71 35.75 -7.53 28.33
C HIS C 71 34.42 -8.29 28.45
N CYS C 72 34.13 -9.22 27.51
CA CYS C 72 32.92 -10.05 27.58
C CYS C 72 32.93 -10.86 28.87
N LEU C 73 34.08 -11.46 29.20
CA LEU C 73 34.20 -12.25 30.44
C LEU C 73 33.96 -11.36 31.68
N GLU C 74 34.54 -10.15 31.71
CA GLU C 74 34.32 -9.16 32.80
C GLU C 74 32.83 -8.80 32.95
N LEU C 75 32.12 -8.66 31.80
CA LEU C 75 30.70 -8.29 31.78
C LEU C 75 29.74 -9.37 32.23
N GLY C 76 30.20 -10.60 32.29
CA GLY C 76 29.39 -11.73 32.74
C GLY C 76 29.03 -12.78 31.71
N ALA C 77 29.79 -12.89 30.61
CA ALA C 77 29.51 -13.93 29.60
C ALA C 77 29.70 -15.32 30.25
N ALA C 78 28.83 -16.29 29.89
CA ALA C 78 28.95 -17.67 30.38
C ALA C 78 30.27 -18.27 29.90
N SER C 79 30.72 -17.85 28.70
CA SER C 79 32.01 -18.19 28.09
C SER C 79 32.21 -17.23 26.92
N ALA C 80 33.45 -17.01 26.55
CA ALA C 80 33.78 -16.13 25.42
C ALA C 80 35.06 -16.59 24.76
N HIS C 81 35.01 -16.76 23.43
CA HIS C 81 36.18 -17.15 22.65
C HIS C 81 36.18 -16.35 21.38
N TYR C 82 37.35 -16.28 20.72
CA TYR C 82 37.46 -15.70 19.39
C TYR C 82 38.15 -16.66 18.44
N ILE C 83 37.85 -16.52 17.15
CA ILE C 83 38.53 -17.22 16.06
C ILE C 83 38.75 -16.14 15.03
N ALA C 84 40.03 -15.80 14.73
CA ALA C 84 40.32 -14.73 13.77
C ALA C 84 40.48 -15.27 12.35
N GLY C 85 40.00 -14.49 11.39
CA GLY C 85 40.15 -14.84 9.98
C GLY C 85 39.37 -13.92 9.07
N THR C 86 39.60 -14.07 7.75
CA THR C 86 38.94 -13.22 6.77
C THR C 86 37.76 -13.94 6.13
N MET C 87 36.63 -13.23 6.02
CA MET C 87 35.44 -13.76 5.38
C MET C 87 35.51 -13.65 3.86
N GLU C 88 36.68 -13.24 3.32
CA GLU C 88 36.92 -13.30 1.88
C GLU C 88 37.24 -14.78 1.58
N ASP C 89 37.66 -15.53 2.61
CA ASP C 89 38.04 -16.95 2.47
C ASP C 89 36.88 -17.82 2.86
N MET C 90 36.20 -18.43 1.85
CA MET C 90 34.99 -19.25 2.10
C MET C 90 35.29 -20.53 2.90
N THR C 91 36.56 -21.01 2.84
CA THR C 91 37.02 -22.17 3.63
C THR C 91 37.07 -21.76 5.09
N PHE C 92 37.60 -20.56 5.37
CA PHE C 92 37.64 -20.05 6.73
C PHE C 92 36.19 -19.94 7.26
N ALA C 93 35.28 -19.33 6.47
CA ALA C 93 33.89 -19.17 6.92
C ALA C 93 33.26 -20.52 7.32
N GLU C 94 33.42 -21.54 6.48
CA GLU C 94 32.87 -22.88 6.70
C GLU C 94 33.47 -23.53 7.97
N GLN C 95 34.78 -23.51 8.07
CA GLN C 95 35.48 -24.11 9.20
C GLN C 95 35.28 -23.36 10.51
N PHE C 96 35.17 -22.02 10.43
CA PHE C 96 34.91 -21.19 11.61
C PHE C 96 33.64 -21.64 12.34
N VAL C 97 32.54 -21.89 11.60
CA VAL C 97 31.26 -22.30 12.22
C VAL C 97 31.42 -23.64 12.97
N ALA C 98 32.08 -24.60 12.32
CA ALA C 98 32.31 -25.92 12.95
C ALA C 98 33.11 -25.75 14.26
N GLN C 99 34.17 -24.93 14.23
CA GLN C 99 35.01 -24.71 15.41
C GLN C 99 34.28 -23.95 16.52
N ALA C 100 33.47 -22.92 16.13
CA ALA C 100 32.71 -22.14 17.11
C ALA C 100 31.67 -23.06 17.80
N GLY C 101 31.02 -23.91 17.02
CA GLY C 101 30.02 -24.87 17.51
C GLY C 101 30.64 -25.86 18.48
N LYS C 102 31.85 -26.32 18.16
CA LYS C 102 32.60 -27.24 19.03
C LYS C 102 32.96 -26.56 20.37
N LEU C 103 33.40 -25.29 20.32
CA LEU C 103 33.75 -24.54 21.54
C LEU C 103 32.56 -24.37 22.49
N MET C 104 31.36 -24.13 21.95
CA MET C 104 30.16 -23.89 22.76
C MET C 104 29.31 -25.13 23.00
N GLY C 105 29.55 -26.19 22.26
CA GLY C 105 28.75 -27.41 22.32
C GLY C 105 27.38 -27.23 21.67
N GLY C 106 27.37 -26.46 20.56
CA GLY C 106 26.15 -26.18 19.82
C GLY C 106 26.04 -24.73 19.38
N LEU C 107 24.88 -24.37 18.84
CA LEU C 107 24.62 -23.02 18.36
C LEU C 107 23.14 -22.71 18.41
N ASP C 108 22.80 -21.56 18.99
CA ASP C 108 21.44 -21.06 19.12
C ASP C 108 21.17 -19.88 18.19
N MET C 109 22.16 -19.01 18.00
CA MET C 109 21.94 -17.81 17.19
C MET C 109 23.18 -17.47 16.39
N LEU C 110 23.00 -17.19 15.08
CA LEU C 110 24.09 -16.83 14.20
C LEU C 110 23.86 -15.36 13.77
N ILE C 111 24.73 -14.44 14.23
CA ILE C 111 24.60 -13.01 13.94
C ILE C 111 25.63 -12.65 12.89
N LEU C 112 25.13 -12.40 11.68
CA LEU C 112 25.95 -12.11 10.49
C LEU C 112 25.97 -10.60 10.31
N ASN C 113 27.14 -10.00 10.60
CA ASN C 113 27.27 -8.53 10.71
C ASN C 113 28.44 -7.91 9.93
N HIS C 114 29.51 -8.68 9.70
CA HIS C 114 30.71 -8.16 9.01
C HIS C 114 30.43 -7.65 7.61
N ILE C 115 31.24 -6.68 7.19
CA ILE C 115 31.23 -6.15 5.83
C ILE C 115 32.67 -5.88 5.42
N THR C 116 32.90 -5.77 4.12
CA THR C 116 34.22 -5.43 3.61
C THR C 116 34.41 -3.93 3.74
N ASN C 117 35.66 -3.48 3.94
CA ASN C 117 35.93 -2.04 4.07
C ASN C 117 35.43 -1.30 2.84
N THR C 118 34.69 -0.19 3.05
CA THR C 118 34.16 0.53 1.90
C THR C 118 34.26 2.03 2.15
N SER C 119 33.80 2.82 1.20
CA SER C 119 33.84 4.29 1.34
C SER C 119 32.79 4.87 0.43
N LEU C 120 32.48 6.17 0.61
CA LEU C 120 31.51 6.83 -0.25
C LEU C 120 32.23 7.37 -1.48
N ASN C 121 31.86 6.89 -2.67
CA ASN C 121 32.49 7.31 -3.90
C ASN C 121 31.54 7.09 -5.05
N LEU C 122 31.61 7.94 -6.08
CA LEU C 122 30.79 7.71 -7.28
C LEU C 122 31.34 6.44 -7.94
N PHE C 123 30.47 5.67 -8.55
CA PHE C 123 30.91 4.45 -9.23
C PHE C 123 31.43 4.81 -10.60
N HIS C 124 32.64 4.35 -10.90
CA HIS C 124 33.23 4.55 -12.23
C HIS C 124 33.64 3.21 -12.85
N ASP C 125 34.67 2.57 -12.32
CA ASP C 125 35.10 1.31 -12.92
C ASP C 125 35.65 0.29 -11.92
N ASP C 126 35.37 0.48 -10.64
CA ASP C 126 35.89 -0.43 -9.63
C ASP C 126 35.08 -1.72 -9.52
N ILE C 127 35.19 -2.59 -10.52
CA ILE C 127 34.51 -3.90 -10.54
C ILE C 127 35.08 -4.80 -9.41
N HIS C 128 36.38 -4.62 -9.10
CA HIS C 128 37.02 -5.39 -8.02
C HIS C 128 36.28 -5.13 -6.71
N HIS C 129 35.89 -3.88 -6.45
CA HIS C 129 35.17 -3.58 -5.20
C HIS C 129 33.76 -4.16 -5.23
N VAL C 130 33.12 -4.13 -6.40
CA VAL C 130 31.77 -4.71 -6.52
C VAL C 130 31.81 -6.21 -6.23
N ARG C 131 32.76 -6.93 -6.85
CA ARG C 131 32.90 -8.37 -6.61
C ARG C 131 33.28 -8.69 -5.15
N LYS C 132 34.21 -7.95 -4.57
CA LYS C 132 34.63 -8.19 -3.18
C LYS C 132 33.47 -7.94 -2.22
N SER C 133 32.69 -6.88 -2.47
CA SER C 133 31.51 -6.59 -1.67
C SER C 133 30.51 -7.75 -1.77
N MET C 134 30.30 -8.29 -2.96
CA MET C 134 29.38 -9.43 -3.09
C MET C 134 29.92 -10.68 -2.38
N GLU C 135 31.21 -10.94 -2.49
CA GLU C 135 31.80 -12.09 -1.83
C GLU C 135 31.74 -12.00 -0.28
N VAL C 136 32.18 -10.87 0.29
CA VAL C 136 32.27 -10.70 1.72
C VAL C 136 30.89 -10.42 2.35
N ASN C 137 30.17 -9.45 1.80
CA ASN C 137 28.92 -9.02 2.42
C ASN C 137 27.75 -9.94 2.17
N PHE C 138 27.84 -10.78 1.14
CA PHE C 138 26.71 -11.63 0.76
C PHE C 138 27.11 -13.11 0.72
N LEU C 139 28.03 -13.49 -0.16
CA LEU C 139 28.33 -14.91 -0.31
C LEU C 139 28.81 -15.56 0.97
N SER C 140 29.66 -14.88 1.75
CA SER C 140 30.13 -15.48 3.01
C SER C 140 28.98 -15.70 3.98
N TYR C 141 27.94 -14.82 3.94
CA TYR C 141 26.77 -15.00 4.83
C TYR C 141 26.06 -16.31 4.46
N VAL C 142 26.00 -16.62 3.16
CA VAL C 142 25.36 -17.87 2.68
C VAL C 142 26.18 -19.07 3.15
N VAL C 143 27.50 -19.01 2.96
CA VAL C 143 28.41 -20.11 3.38
C VAL C 143 28.26 -20.36 4.90
N LEU C 144 28.26 -19.29 5.70
CA LEU C 144 28.10 -19.40 7.16
C LEU C 144 26.77 -20.03 7.52
N THR C 145 25.70 -19.65 6.80
CA THR C 145 24.36 -20.19 7.05
C THR C 145 24.32 -21.69 6.76
N VAL C 146 24.86 -22.10 5.61
CA VAL C 146 24.91 -23.54 5.24
C VAL C 146 25.69 -24.31 6.34
N ALA C 147 26.82 -23.76 6.79
CA ALA C 147 27.63 -24.43 7.82
C ALA C 147 26.92 -24.53 9.17
N ALA C 148 26.13 -23.51 9.51
CA ALA C 148 25.43 -23.41 10.80
C ALA C 148 24.10 -24.13 10.86
N LEU C 149 23.44 -24.33 9.72
CA LEU C 149 22.07 -24.88 9.71
C LEU C 149 21.85 -26.19 10.49
N PRO C 150 22.73 -27.21 10.40
CA PRO C 150 22.51 -28.44 11.19
C PRO C 150 22.36 -28.19 12.69
N MET C 151 23.26 -27.35 13.25
CA MET C 151 23.22 -26.96 14.67
C MET C 151 21.98 -26.13 15.00
N LEU C 152 21.64 -25.18 14.12
CA LEU C 152 20.45 -24.33 14.34
C LEU C 152 19.16 -25.16 14.25
N LYS C 153 19.10 -26.17 13.36
CA LYS C 153 17.93 -27.07 13.26
C LYS C 153 17.77 -27.85 14.60
N GLN C 154 18.91 -28.32 15.16
CA GLN C 154 18.91 -29.04 16.44
C GLN C 154 18.36 -28.17 17.60
N SER C 155 18.71 -26.87 17.62
CA SER C 155 18.29 -25.97 18.70
C SER C 155 17.03 -25.12 18.41
N ASN C 156 16.41 -25.26 17.21
CA ASN C 156 15.28 -24.42 16.74
C ASN C 156 15.76 -22.97 16.84
N GLY C 157 16.99 -22.75 16.36
CA GLY C 157 17.73 -21.50 16.47
C GLY C 157 17.31 -20.38 15.56
N SER C 158 18.20 -19.38 15.43
CA SER C 158 17.91 -18.16 14.70
C SER C 158 19.11 -17.65 13.92
N ILE C 159 18.85 -17.09 12.74
CA ILE C 159 19.83 -16.43 11.89
C ILE C 159 19.46 -14.95 11.90
N VAL C 160 20.43 -14.08 12.19
CA VAL C 160 20.21 -12.64 12.24
C VAL C 160 21.12 -12.04 11.18
N VAL C 161 20.53 -11.34 10.21
CA VAL C 161 21.27 -10.78 9.07
C VAL C 161 21.25 -9.25 9.20
N VAL C 162 22.41 -8.64 9.33
CA VAL C 162 22.49 -7.18 9.52
C VAL C 162 22.51 -6.52 8.16
N SER C 163 21.49 -5.68 7.89
CA SER C 163 21.38 -5.00 6.61
C SER C 163 21.29 -3.50 6.85
N SER C 164 20.65 -2.78 5.95
CA SER C 164 20.69 -1.32 5.95
C SER C 164 19.48 -0.77 5.24
N LEU C 165 19.17 0.53 5.48
CA LEU C 165 18.16 1.19 4.66
C LEU C 165 18.63 1.14 3.20
N ALA C 166 19.97 1.13 2.94
CA ALA C 166 20.52 1.04 1.58
C ALA C 166 20.35 -0.41 1.02
N GLY C 167 19.71 -1.28 1.79
CA GLY C 167 19.35 -2.62 1.34
C GLY C 167 17.86 -2.72 1.07
N LYS C 168 17.15 -1.56 1.11
CA LYS C 168 15.69 -1.50 0.89
C LYS C 168 15.33 -0.36 -0.09
N VAL C 169 16.10 0.72 -0.08
CA VAL C 169 15.89 1.85 -0.98
C VAL C 169 17.27 2.22 -1.58
N ALA C 170 17.26 3.01 -2.64
CA ALA C 170 18.50 3.34 -3.29
C ALA C 170 19.17 4.55 -2.71
N TYR C 171 20.52 4.54 -2.69
CA TYR C 171 21.31 5.66 -2.19
C TYR C 171 22.50 5.83 -3.14
N PRO C 172 22.88 7.07 -3.50
CA PRO C 172 24.08 7.23 -4.32
C PRO C 172 25.33 7.04 -3.45
N MET C 173 26.50 6.84 -4.11
CA MET C 173 27.86 6.75 -3.53
C MET C 173 28.16 5.43 -2.83
N VAL C 174 27.18 4.52 -2.73
CA VAL C 174 27.34 3.21 -2.06
C VAL C 174 26.80 2.08 -2.96
N ALA C 175 27.01 2.17 -4.29
CA ALA C 175 26.39 1.21 -5.20
C ALA C 175 26.75 -0.26 -4.92
N ALA C 176 28.04 -0.57 -4.76
CA ALA C 176 28.51 -1.96 -4.50
C ALA C 176 27.92 -2.46 -3.16
N TYR C 177 27.98 -1.62 -2.13
CA TYR C 177 27.46 -1.94 -0.80
C TYR C 177 25.94 -2.20 -0.87
N SER C 178 25.19 -1.27 -1.51
CA SER C 178 23.73 -1.40 -1.68
C SER C 178 23.37 -2.71 -2.41
N ALA C 179 24.09 -3.02 -3.48
CA ALA C 179 23.81 -4.26 -4.25
C ALA C 179 23.93 -5.48 -3.32
N SER C 180 24.97 -5.49 -2.47
CA SER C 180 25.20 -6.64 -1.55
C SER C 180 24.10 -6.74 -0.49
N LYS C 181 23.60 -5.59 -0.02
CA LYS C 181 22.52 -5.59 1.00
C LYS C 181 21.17 -5.98 0.38
N PHE C 182 20.89 -5.50 -0.86
CA PHE C 182 19.69 -5.94 -1.57
C PHE C 182 19.75 -7.45 -1.81
N ALA C 183 20.92 -7.98 -2.18
CA ALA C 183 21.10 -9.44 -2.43
C ALA C 183 20.73 -10.24 -1.18
N LEU C 184 21.12 -9.77 0.00
CA LEU C 184 20.79 -10.46 1.26
C LEU C 184 19.29 -10.58 1.43
N ASP C 185 18.55 -9.51 1.11
CA ASP C 185 17.08 -9.57 1.24
C ASP C 185 16.50 -10.61 0.28
N GLY C 186 16.90 -10.58 -0.99
CA GLY C 186 16.37 -11.56 -1.93
C GLY C 186 16.68 -12.99 -1.51
N PHE C 187 17.93 -13.23 -1.11
CA PHE C 187 18.32 -14.59 -0.74
C PHE C 187 17.63 -15.09 0.55
N PHE C 188 17.82 -14.35 1.64
CA PHE C 188 17.31 -14.77 2.94
C PHE C 188 15.79 -14.75 3.01
N SER C 189 15.14 -13.85 2.27
CA SER C 189 13.66 -13.85 2.25
C SER C 189 13.13 -15.07 1.47
N SER C 190 13.89 -15.53 0.46
CA SER C 190 13.49 -16.73 -0.32
C SER C 190 13.62 -17.97 0.56
N ILE C 191 14.78 -18.13 1.24
CA ILE C 191 14.96 -19.30 2.11
C ILE C 191 14.02 -19.26 3.31
N ARG C 192 13.64 -18.07 3.78
CA ARG C 192 12.65 -18.01 4.88
C ARG C 192 11.35 -18.72 4.44
N LYS C 193 10.88 -18.46 3.21
CA LYS C 193 9.68 -19.11 2.65
C LYS C 193 9.89 -20.61 2.52
N GLU C 194 11.08 -21.04 2.10
CA GLU C 194 11.41 -22.46 1.97
C GLU C 194 11.37 -23.16 3.33
N TYR C 195 11.93 -22.52 4.35
CA TYR C 195 11.96 -23.09 5.71
C TYR C 195 10.54 -23.22 6.29
N SER C 196 9.67 -22.27 5.96
CA SER C 196 8.28 -22.27 6.41
C SER C 196 7.55 -23.49 5.86
N VAL C 197 7.65 -23.75 4.54
CA VAL C 197 6.96 -24.91 3.94
C VAL C 197 7.63 -26.23 4.28
N SER C 198 8.96 -26.23 4.52
CA SER C 198 9.71 -27.45 4.83
C SER C 198 9.76 -27.77 6.32
N ARG C 199 9.07 -26.92 7.15
CA ARG C 199 8.99 -27.05 8.61
C ARG C 199 10.36 -27.04 9.28
N VAL C 200 11.29 -26.18 8.78
CA VAL C 200 12.61 -25.96 9.34
C VAL C 200 12.38 -24.81 10.32
N ASN C 201 12.45 -25.11 11.62
CA ASN C 201 12.16 -24.15 12.68
C ASN C 201 13.39 -23.29 13.03
N VAL C 202 13.91 -22.57 12.04
CA VAL C 202 15.05 -21.66 12.19
C VAL C 202 14.56 -20.31 11.70
N SER C 203 14.52 -19.32 12.58
CA SER C 203 14.01 -18.00 12.21
C SER C 203 15.09 -17.22 11.48
N ILE C 204 14.65 -16.29 10.62
CA ILE C 204 15.55 -15.43 9.87
C ILE C 204 15.10 -14.00 10.10
N THR C 205 15.97 -13.19 10.72
CA THR C 205 15.69 -11.78 11.03
C THR C 205 16.57 -10.90 10.18
N LEU C 206 15.96 -10.05 9.34
CA LEU C 206 16.69 -9.11 8.49
C LEU C 206 16.62 -7.74 9.20
N CYS C 207 17.77 -7.17 9.56
CA CYS C 207 17.84 -5.91 10.32
C CYS C 207 18.11 -4.75 9.41
N VAL C 208 17.13 -3.86 9.28
CA VAL C 208 17.23 -2.72 8.38
C VAL C 208 17.60 -1.49 9.20
N LEU C 209 18.87 -1.13 9.14
CA LEU C 209 19.44 -0.03 9.92
C LEU C 209 19.72 1.19 9.11
N GLY C 210 19.45 2.36 9.69
CA GLY C 210 19.84 3.62 9.11
C GLY C 210 21.25 3.98 9.55
N LEU C 211 21.69 5.24 9.35
CA LEU C 211 23.04 5.64 9.76
C LEU C 211 23.24 5.49 11.27
N ILE C 212 24.36 4.81 11.65
CA ILE C 212 24.75 4.49 13.03
C ILE C 212 26.10 5.14 13.32
N ASP C 213 26.24 5.67 14.55
CA ASP C 213 27.44 6.42 14.94
C ASP C 213 28.73 5.59 15.20
N THR C 214 28.98 4.54 14.40
CA THR C 214 30.23 3.79 14.53
C THR C 214 31.37 4.65 14.05
N GLU C 215 32.58 4.42 14.58
CA GLU C 215 33.76 5.19 14.18
C GLU C 215 34.00 5.11 12.69
N THR C 216 33.84 3.89 12.09
CA THR C 216 34.03 3.69 10.66
C THR C 216 33.07 4.53 9.83
N ALA C 217 31.76 4.46 10.13
CA ALA C 217 30.76 5.19 9.36
C ALA C 217 30.93 6.70 9.50
N MET C 218 31.16 7.16 10.71
CA MET C 218 31.32 8.61 11.00
C MET C 218 32.51 9.19 10.25
N LYS C 219 33.61 8.45 10.19
CA LYS C 219 34.79 8.87 9.40
C LYS C 219 34.44 8.86 7.89
N ALA C 220 33.73 7.82 7.42
CA ALA C 220 33.41 7.71 5.99
C ALA C 220 32.49 8.82 5.49
N VAL C 221 31.51 9.23 6.29
CA VAL C 221 30.51 10.23 5.88
C VAL C 221 30.94 11.67 6.12
N SER C 222 31.99 11.89 6.94
CA SER C 222 32.45 13.22 7.32
C SER C 222 32.66 14.15 6.13
N GLY C 223 31.95 15.28 6.10
CA GLY C 223 32.03 16.25 5.02
C GLY C 223 31.22 15.94 3.77
N ILE C 224 30.55 14.77 3.74
CA ILE C 224 29.73 14.33 2.59
C ILE C 224 28.25 14.24 2.95
N VAL C 225 27.93 13.55 4.03
CA VAL C 225 26.57 13.31 4.50
C VAL C 225 26.42 14.07 5.82
N HIS C 226 25.52 15.07 5.85
CA HIS C 226 25.29 15.86 7.06
C HIS C 226 23.90 15.45 7.50
N MET C 227 23.81 14.42 8.36
CA MET C 227 22.56 13.86 8.87
C MET C 227 22.76 13.24 10.24
N GLN C 228 21.67 12.99 10.97
CA GLN C 228 21.69 12.45 12.31
C GLN C 228 21.99 10.92 12.32
N ALA C 229 23.01 10.50 13.07
CA ALA C 229 23.34 9.08 13.23
C ALA C 229 22.73 8.58 14.53
N ALA C 230 22.21 7.34 14.52
CA ALA C 230 21.62 6.73 15.72
C ALA C 230 22.71 6.07 16.60
N PRO C 231 22.49 5.92 17.92
CA PRO C 231 23.57 5.38 18.78
C PRO C 231 23.81 3.87 18.59
N LYS C 232 25.08 3.48 18.47
CA LYS C 232 25.49 2.08 18.23
C LYS C 232 25.08 1.13 19.35
N GLU C 233 25.11 1.60 20.63
CA GLU C 233 24.73 0.70 21.74
C GLU C 233 23.26 0.28 21.65
N GLU C 234 22.34 1.26 21.44
CA GLU C 234 20.90 0.97 21.32
C GLU C 234 20.65 0.13 20.07
N CYS C 235 21.34 0.46 18.97
CA CYS C 235 21.22 -0.28 17.70
C CYS C 235 21.49 -1.76 17.93
N ALA C 236 22.63 -2.06 18.56
CA ALA C 236 23.08 -3.42 18.83
C ALA C 236 22.04 -4.20 19.64
N LEU C 237 21.43 -3.55 20.65
CA LEU C 237 20.40 -4.21 21.44
C LEU C 237 19.14 -4.49 20.63
N GLU C 238 18.72 -3.58 19.75
CA GLU C 238 17.53 -3.79 18.90
C GLU C 238 17.71 -5.00 17.97
N ILE C 239 18.93 -5.22 17.48
CA ILE C 239 19.25 -6.36 16.61
C ILE C 239 19.06 -7.66 17.42
N ILE C 240 19.67 -7.72 18.61
CA ILE C 240 19.54 -8.89 19.49
C ILE C 240 18.06 -9.19 19.82
N LYS C 241 17.28 -8.14 20.16
CA LYS C 241 15.86 -8.26 20.52
C LYS C 241 15.06 -8.86 19.37
N GLY C 242 15.31 -8.37 18.16
CA GLY C 242 14.63 -8.89 16.98
C GLY C 242 14.87 -10.37 16.75
N GLY C 243 16.13 -10.79 16.89
CA GLY C 243 16.52 -12.18 16.75
C GLY C 243 15.91 -13.06 17.84
N ALA C 244 15.97 -12.60 19.11
CA ALA C 244 15.40 -13.35 20.25
C ALA C 244 13.88 -13.53 20.11
N LEU C 245 13.18 -12.51 19.61
CA LEU C 245 11.74 -12.54 19.39
C LEU C 245 11.36 -13.19 18.07
N ARG C 246 12.37 -13.64 17.27
CA ARG C 246 12.13 -14.34 15.98
C ARG C 246 11.36 -13.47 15.00
N GLN C 247 11.63 -12.15 15.04
CA GLN C 247 10.95 -11.22 14.14
C GLN C 247 11.52 -11.37 12.73
N GLU C 248 10.69 -11.24 11.69
CA GLU C 248 11.20 -11.35 10.30
C GLU C 248 12.08 -10.15 9.96
N GLU C 249 11.67 -8.94 10.37
CA GLU C 249 12.43 -7.72 10.11
C GLU C 249 12.48 -6.79 11.31
N VAL C 250 13.61 -6.12 11.49
CA VAL C 250 13.85 -5.09 12.53
C VAL C 250 14.13 -3.82 11.74
N TYR C 251 13.55 -2.68 12.19
CA TYR C 251 13.82 -1.40 11.56
C TYR C 251 14.30 -0.47 12.63
N TYR C 252 15.44 0.18 12.40
CA TYR C 252 16.03 1.06 13.40
C TYR C 252 16.69 2.26 12.71
N ASP C 253 16.18 3.49 12.99
CA ASP C 253 16.72 4.70 12.37
C ASP C 253 16.40 5.94 13.23
N SER C 254 17.17 7.03 13.05
CA SER C 254 16.96 8.28 13.79
C SER C 254 15.64 9.00 13.45
N SER C 255 15.15 8.86 12.20
CA SER C 255 13.97 9.58 11.70
C SER C 255 12.63 8.91 11.91
N ARG C 256 11.62 9.67 12.38
CA ARG C 256 10.27 9.13 12.56
C ARG C 256 9.62 8.87 11.20
N TRP C 257 10.08 9.55 10.14
CA TRP C 257 9.53 9.33 8.80
C TRP C 257 9.98 8.01 8.22
N THR C 258 11.20 7.56 8.59
CA THR C 258 11.73 6.27 8.14
C THR C 258 10.86 5.15 8.59
N THR C 259 10.58 5.06 9.89
CA THR C 259 9.77 3.99 10.45
C THR C 259 8.33 4.01 9.93
N LEU C 260 7.82 5.18 9.53
CA LEU C 260 6.49 5.25 8.93
C LEU C 260 6.52 4.69 7.49
N LEU C 261 7.60 4.95 6.76
CA LEU C 261 7.62 4.63 5.33
C LEU C 261 8.39 3.41 4.90
N ILE C 262 9.26 2.90 5.77
CA ILE C 262 10.14 1.79 5.36
C ILE C 262 9.46 0.45 5.10
N ARG C 263 8.40 0.13 5.84
CA ARG C 263 7.70 -1.13 5.67
C ARG C 263 7.03 -1.20 4.29
N ASN C 264 6.91 -2.40 3.77
CA ASN C 264 6.30 -2.60 2.46
C ASN C 264 5.16 -3.62 2.60
N PRO C 265 3.96 -3.18 3.08
CA PRO C 265 2.85 -4.13 3.22
C PRO C 265 2.38 -4.72 1.89
N CYS C 266 2.50 -3.96 0.78
CA CYS C 266 2.11 -4.47 -0.54
C CYS C 266 2.97 -5.66 -0.98
N ARG C 267 4.24 -5.65 -0.61
CA ARG C 267 5.11 -6.81 -0.90
C ARG C 267 4.60 -8.04 -0.13
N LYS C 268 4.23 -7.88 1.16
CA LYS C 268 3.72 -9.00 1.95
C LYS C 268 2.43 -9.57 1.36
N ILE C 269 1.54 -8.68 0.88
CA ILE C 269 0.29 -9.10 0.25
C ILE C 269 0.57 -9.87 -1.03
N LEU C 270 1.45 -9.35 -1.92
CA LEU C 270 1.78 -10.06 -3.15
C LEU C 270 2.35 -11.43 -2.89
N GLU C 271 3.31 -11.54 -1.93
CA GLU C 271 3.91 -12.84 -1.61
C GLU C 271 2.85 -13.87 -1.19
N GLU C 272 1.88 -13.42 -0.37
CA GLU C 272 0.76 -14.26 0.10
C GLU C 272 -0.13 -14.67 -1.07
N LEU C 273 -0.41 -13.74 -1.99
CA LEU C 273 -1.23 -14.05 -3.17
C LEU C 273 -0.55 -15.07 -4.07
N TYR C 274 0.79 -14.98 -4.22
CA TYR C 274 1.54 -15.95 -5.04
C TYR C 274 1.76 -17.28 -4.36
N SER C 275 1.61 -17.34 -3.04
CA SER C 275 1.83 -18.59 -2.28
C SER C 275 0.87 -19.74 -2.68
N THR C 276 -0.30 -19.41 -3.24
CA THR C 276 -1.34 -20.36 -3.65
C THR C 276 -1.13 -20.88 -5.07
N SER C 277 -0.15 -20.33 -5.80
CA SER C 277 0.16 -20.77 -7.17
C SER C 277 1.09 -21.98 -7.21
N TYR C 278 1.43 -22.57 -6.04
CA TYR C 278 2.28 -23.76 -5.94
C TYR C 278 1.44 -25.02 -5.77
N GLU D 19 6.81 10.08 -22.81
CA GLU D 19 5.39 10.28 -23.06
C GLU D 19 4.73 9.13 -23.83
N GLU D 20 4.52 9.25 -25.16
CA GLU D 20 3.90 8.20 -25.98
C GLU D 20 4.89 7.49 -26.93
N PHE D 21 4.97 6.15 -26.82
CA PHE D 21 5.87 5.36 -27.68
C PHE D 21 5.45 5.40 -29.14
N ARG D 22 6.45 5.46 -30.03
CA ARG D 22 6.32 5.42 -31.48
C ARG D 22 7.47 4.54 -32.01
N PRO D 23 7.18 3.51 -32.85
CA PRO D 23 8.26 2.66 -33.37
C PRO D 23 9.41 3.39 -34.08
N GLU D 24 9.17 4.63 -34.60
CA GLU D 24 10.20 5.45 -35.25
C GLU D 24 11.34 5.79 -34.26
N MET D 25 11.06 5.73 -32.93
CA MET D 25 12.06 5.98 -31.87
C MET D 25 13.27 5.02 -31.99
N LEU D 26 13.09 3.83 -32.58
CA LEU D 26 14.19 2.88 -32.71
C LEU D 26 14.84 2.87 -34.08
N GLN D 27 14.21 3.56 -35.07
CA GLN D 27 14.74 3.59 -36.41
C GLN D 27 16.17 4.14 -36.43
N GLY D 28 17.10 3.32 -36.91
CA GLY D 28 18.51 3.67 -37.01
C GLY D 28 19.27 3.70 -35.70
N LYS D 29 18.63 3.29 -34.59
CA LYS D 29 19.31 3.27 -33.28
C LYS D 29 20.24 2.06 -33.23
N LYS D 30 21.38 2.20 -32.53
CA LYS D 30 22.41 1.16 -32.42
C LYS D 30 22.19 0.45 -31.09
N VAL D 31 21.77 -0.82 -31.14
CA VAL D 31 21.34 -1.56 -29.96
C VAL D 31 22.06 -2.87 -29.78
N ILE D 32 22.47 -3.13 -28.52
CA ILE D 32 23.03 -4.43 -28.12
C ILE D 32 21.91 -5.15 -27.38
N VAL D 33 21.74 -6.46 -27.65
CA VAL D 33 20.80 -7.32 -26.93
C VAL D 33 21.58 -8.54 -26.48
N THR D 34 21.66 -8.78 -25.15
CA THR D 34 22.37 -9.98 -24.67
C THR D 34 21.33 -11.07 -24.42
N GLY D 35 21.77 -12.31 -24.36
CA GLY D 35 20.87 -13.45 -24.15
C GLY D 35 19.82 -13.49 -25.26
N ALA D 36 20.27 -13.24 -26.51
CA ALA D 36 19.36 -13.05 -27.63
C ALA D 36 19.22 -14.23 -28.60
N SER D 37 19.73 -15.42 -28.22
CA SER D 37 19.59 -16.59 -29.08
C SER D 37 18.23 -17.24 -28.89
N LYS D 38 17.56 -16.95 -27.76
CA LYS D 38 16.24 -17.51 -27.45
C LYS D 38 15.40 -16.64 -26.53
N GLY D 39 14.18 -17.10 -26.28
CA GLY D 39 13.22 -16.46 -25.38
C GLY D 39 12.97 -14.99 -25.63
N ILE D 40 12.96 -14.19 -24.52
CA ILE D 40 12.68 -12.74 -24.59
C ILE D 40 13.72 -11.96 -25.40
N GLY D 41 14.99 -12.29 -25.23
CA GLY D 41 16.10 -11.63 -25.93
C GLY D 41 15.98 -11.75 -27.44
N ARG D 42 15.64 -12.96 -27.91
CA ARG D 42 15.43 -13.19 -29.35
C ARG D 42 14.23 -12.36 -29.84
N GLU D 43 13.15 -12.33 -29.06
CA GLU D 43 11.97 -11.53 -29.40
C GLU D 43 12.30 -10.04 -29.47
N MET D 44 13.20 -9.55 -28.55
CA MET D 44 13.59 -8.14 -28.59
C MET D 44 14.38 -7.85 -29.86
N ALA D 45 15.31 -8.75 -30.26
CA ALA D 45 16.11 -8.57 -31.48
C ALA D 45 15.17 -8.45 -32.70
N TYR D 46 14.13 -9.32 -32.76
CA TYR D 46 13.13 -9.32 -33.84
C TYR D 46 12.32 -8.02 -33.88
N HIS D 47 11.86 -7.50 -32.72
CA HIS D 47 11.14 -6.24 -32.68
C HIS D 47 12.03 -5.09 -33.17
N LEU D 48 13.29 -5.06 -32.67
CA LEU D 48 14.23 -4.03 -33.07
C LEU D 48 14.49 -4.05 -34.57
N ALA D 49 14.63 -5.26 -35.17
CA ALA D 49 14.82 -5.43 -36.62
C ALA D 49 13.64 -4.85 -37.41
N LYS D 50 12.39 -5.19 -37.00
CA LYS D 50 11.16 -4.67 -37.61
C LYS D 50 11.10 -3.15 -37.54
N MET D 51 11.68 -2.55 -36.48
CA MET D 51 11.71 -1.09 -36.28
C MET D 51 12.85 -0.41 -37.06
N GLY D 52 13.71 -1.20 -37.69
CA GLY D 52 14.82 -0.68 -38.49
C GLY D 52 16.07 -0.29 -37.71
N ALA D 53 16.27 -0.88 -36.53
CA ALA D 53 17.44 -0.58 -35.72
C ALA D 53 18.65 -1.34 -36.24
N HIS D 54 19.84 -0.91 -35.81
CA HIS D 54 21.10 -1.61 -36.05
C HIS D 54 21.21 -2.49 -34.80
N VAL D 55 21.42 -3.81 -34.97
CA VAL D 55 21.50 -4.70 -33.80
C VAL D 55 22.77 -5.51 -33.74
N VAL D 56 23.27 -5.73 -32.52
CA VAL D 56 24.36 -6.65 -32.27
C VAL D 56 23.81 -7.57 -31.17
N VAL D 57 23.68 -8.87 -31.48
CA VAL D 57 23.14 -9.87 -30.55
C VAL D 57 24.24 -10.77 -30.01
N THR D 58 24.07 -11.27 -28.77
CA THR D 58 25.04 -12.16 -28.16
C THR D 58 24.36 -13.22 -27.30
N ALA D 59 25.06 -14.34 -27.13
CA ALA D 59 24.76 -15.56 -26.36
C ALA D 59 25.94 -16.51 -26.64
N ARG D 60 25.91 -17.73 -26.11
CA ARG D 60 27.02 -18.66 -26.33
C ARG D 60 26.88 -19.41 -27.65
N SER D 61 25.64 -19.69 -28.07
CA SER D 61 25.36 -20.49 -29.27
C SER D 61 25.54 -19.77 -30.60
N LYS D 62 26.71 -19.94 -31.24
CA LYS D 62 27.06 -19.33 -32.52
C LYS D 62 26.02 -19.69 -33.61
N GLU D 63 25.66 -20.98 -33.72
CA GLU D 63 24.70 -21.49 -34.72
C GLU D 63 23.30 -20.88 -34.57
N THR D 64 22.78 -20.80 -33.33
CA THR D 64 21.47 -20.19 -33.06
C THR D 64 21.52 -18.69 -33.33
N LEU D 65 22.62 -18.03 -32.94
CA LEU D 65 22.81 -16.59 -33.19
C LEU D 65 22.81 -16.27 -34.69
N GLN D 66 23.46 -17.15 -35.52
CA GLN D 66 23.49 -17.00 -36.99
C GLN D 66 22.06 -16.92 -37.52
N LYS D 67 21.18 -17.84 -37.05
CA LYS D 67 19.76 -17.91 -37.44
C LYS D 67 18.99 -16.65 -37.02
N VAL D 68 19.24 -16.13 -35.79
CA VAL D 68 18.58 -14.92 -35.30
C VAL D 68 18.99 -13.72 -36.18
N VAL D 69 20.28 -13.62 -36.52
CA VAL D 69 20.83 -12.55 -37.37
C VAL D 69 20.21 -12.60 -38.76
N SER D 70 20.14 -13.80 -39.36
CA SER D 70 19.52 -13.98 -40.69
C SER D 70 18.07 -13.50 -40.69
N HIS D 71 17.27 -13.86 -39.65
CA HIS D 71 15.89 -13.42 -39.53
C HIS D 71 15.76 -11.93 -39.29
N CYS D 72 16.69 -11.31 -38.50
CA CYS D 72 16.69 -9.86 -38.26
C CYS D 72 16.83 -9.12 -39.58
N LEU D 73 17.74 -9.58 -40.44
CA LEU D 73 17.94 -8.97 -41.75
C LEU D 73 16.67 -9.07 -42.61
N GLU D 74 16.01 -10.25 -42.63
CA GLU D 74 14.73 -10.47 -43.34
C GLU D 74 13.65 -9.51 -42.84
N LEU D 75 13.60 -9.26 -41.51
CA LEU D 75 12.60 -8.40 -40.88
C LEU D 75 12.77 -6.90 -41.13
N GLY D 76 13.94 -6.50 -41.59
CA GLY D 76 14.23 -5.11 -41.93
C GLY D 76 15.22 -4.39 -41.05
N ALA D 77 16.13 -5.12 -40.38
CA ALA D 77 17.14 -4.46 -39.53
C ALA D 77 18.05 -3.63 -40.44
N ALA D 78 18.47 -2.41 -39.97
CA ALA D 78 19.39 -1.56 -40.72
C ALA D 78 20.72 -2.30 -40.92
N SER D 79 21.09 -3.14 -39.93
CA SER D 79 22.25 -4.03 -39.94
C SER D 79 22.06 -5.00 -38.78
N ALA D 80 22.68 -6.17 -38.86
CA ALA D 80 22.60 -7.18 -37.81
C ALA D 80 23.86 -8.00 -37.75
N HIS D 81 24.43 -8.14 -36.54
CA HIS D 81 25.63 -8.94 -36.36
C HIS D 81 25.47 -9.71 -35.07
N TYR D 82 26.24 -10.77 -34.92
CA TYR D 82 26.30 -11.56 -33.70
C TYR D 82 27.75 -11.68 -33.28
N ILE D 83 27.99 -11.83 -31.97
CA ILE D 83 29.30 -12.12 -31.40
C ILE D 83 29.00 -13.16 -30.34
N ALA D 84 29.52 -14.39 -30.50
CA ALA D 84 29.26 -15.47 -29.55
C ALA D 84 30.30 -15.55 -28.44
N GLY D 85 29.83 -15.84 -27.21
CA GLY D 85 30.73 -15.99 -26.08
C GLY D 85 29.98 -16.15 -24.78
N THR D 86 30.70 -16.47 -23.72
CA THR D 86 30.09 -16.65 -22.39
C THR D 86 30.28 -15.45 -21.51
N MET D 87 29.19 -15.01 -20.87
CA MET D 87 29.24 -13.89 -19.92
C MET D 87 29.80 -14.30 -18.55
N GLU D 88 30.25 -15.57 -18.42
CA GLU D 88 31.00 -15.99 -17.24
C GLU D 88 32.42 -15.42 -17.36
N ASP D 89 32.83 -15.11 -18.60
CA ASP D 89 34.14 -14.54 -18.91
C ASP D 89 34.04 -13.01 -18.94
N MET D 90 34.54 -12.33 -17.90
CA MET D 90 34.45 -10.84 -17.81
C MET D 90 35.30 -10.15 -18.89
N THR D 91 36.34 -10.85 -19.42
CA THR D 91 37.15 -10.30 -20.52
C THR D 91 36.30 -10.32 -21.79
N PHE D 92 35.56 -11.41 -22.03
CA PHE D 92 34.66 -11.48 -23.16
C PHE D 92 33.63 -10.37 -23.07
N ALA D 93 32.98 -10.18 -21.89
CA ALA D 93 31.98 -9.11 -21.71
C ALA D 93 32.53 -7.73 -22.11
N GLU D 94 33.72 -7.39 -21.63
CA GLU D 94 34.36 -6.09 -21.90
C GLU D 94 34.70 -5.95 -23.39
N GLN D 95 35.31 -6.98 -23.99
CA GLN D 95 35.71 -6.95 -25.40
C GLN D 95 34.53 -6.97 -26.34
N PHE D 96 33.44 -7.69 -25.96
CA PHE D 96 32.22 -7.75 -26.74
C PHE D 96 31.64 -6.35 -27.00
N VAL D 97 31.54 -5.52 -25.94
CA VAL D 97 30.98 -4.17 -26.08
C VAL D 97 31.81 -3.31 -27.06
N ALA D 98 33.14 -3.37 -26.92
CA ALA D 98 34.03 -2.60 -27.80
C ALA D 98 33.83 -3.04 -29.26
N GLN D 99 33.75 -4.36 -29.52
CA GLN D 99 33.52 -4.89 -30.87
C GLN D 99 32.14 -4.56 -31.42
N ALA D 100 31.10 -4.62 -30.57
CA ALA D 100 29.74 -4.29 -31.00
C ALA D 100 29.67 -2.80 -31.39
N GLY D 101 30.31 -1.94 -30.58
CA GLY D 101 30.39 -0.51 -30.82
C GLY D 101 31.12 -0.18 -32.11
N LYS D 102 32.20 -0.89 -32.38
CA LYS D 102 33.00 -0.74 -33.60
C LYS D 102 32.18 -1.14 -34.84
N LEU D 103 31.41 -2.25 -34.75
CA LEU D 103 30.56 -2.70 -35.85
C LEU D 103 29.47 -1.71 -36.22
N MET D 104 28.87 -1.05 -35.22
CA MET D 104 27.76 -0.14 -35.45
C MET D 104 28.17 1.33 -35.56
N GLY D 105 29.40 1.64 -35.17
CA GLY D 105 29.88 3.02 -35.12
C GLY D 105 29.28 3.80 -33.96
N GLY D 106 29.08 3.11 -32.84
CA GLY D 106 28.52 3.72 -31.63
C GLY D 106 27.51 2.83 -30.96
N LEU D 107 26.83 3.39 -29.95
CA LEU D 107 25.83 2.67 -29.18
C LEU D 107 24.81 3.62 -28.59
N ASP D 108 23.54 3.30 -28.79
CA ASP D 108 22.42 4.07 -28.28
C ASP D 108 21.71 3.36 -27.11
N MET D 109 21.62 2.03 -27.16
CA MET D 109 20.90 1.30 -26.11
C MET D 109 21.59 -0.01 -25.81
N LEU D 110 21.77 -0.30 -24.51
CA LEU D 110 22.39 -1.55 -24.06
C LEU D 110 21.32 -2.34 -23.30
N ILE D 111 20.87 -3.47 -23.89
CA ILE D 111 19.83 -4.32 -23.32
C ILE D 111 20.47 -5.53 -22.68
N LEU D 112 20.47 -5.54 -21.34
CA LEU D 112 21.10 -6.59 -20.52
C LEU D 112 20.02 -7.56 -20.08
N ASN D 113 20.04 -8.77 -20.67
CA ASN D 113 18.96 -9.75 -20.55
C ASN D 113 19.37 -11.19 -20.18
N HIS D 114 20.59 -11.59 -20.53
CA HIS D 114 21.08 -12.94 -20.26
C HIS D 114 21.06 -13.31 -18.76
N ILE D 115 20.89 -14.60 -18.49
CA ILE D 115 20.99 -15.17 -17.14
C ILE D 115 21.66 -16.52 -17.26
N THR D 116 22.22 -17.00 -16.17
CA THR D 116 22.84 -18.34 -16.15
C THR D 116 21.71 -19.37 -16.07
N ASN D 117 21.93 -20.58 -16.63
CA ASN D 117 20.93 -21.64 -16.58
C ASN D 117 20.58 -21.95 -15.12
N THR D 118 19.29 -22.01 -14.82
CA THR D 118 18.88 -22.28 -13.45
C THR D 118 17.65 -23.19 -13.48
N SER D 119 17.10 -23.49 -12.31
CA SER D 119 15.94 -24.34 -12.17
C SER D 119 15.31 -24.06 -10.81
N LEU D 120 14.09 -24.51 -10.59
CA LEU D 120 13.40 -24.35 -9.32
C LEU D 120 13.81 -25.47 -8.38
N ASN D 121 14.46 -25.11 -7.27
CA ASN D 121 14.94 -26.09 -6.29
C ASN D 121 15.10 -25.43 -4.95
N LEU D 122 14.84 -26.17 -3.85
CA LEU D 122 15.09 -25.60 -2.53
C LEU D 122 16.59 -25.44 -2.38
N PHE D 123 17.01 -24.44 -1.62
CA PHE D 123 18.42 -24.23 -1.39
C PHE D 123 18.94 -25.12 -0.27
N HIS D 124 20.03 -25.86 -0.54
CA HIS D 124 20.67 -26.71 0.45
C HIS D 124 22.13 -26.32 0.62
N ASP D 125 22.97 -26.57 -0.39
CA ASP D 125 24.38 -26.26 -0.20
C ASP D 125 25.10 -25.88 -1.48
N ASP D 126 24.34 -25.58 -2.55
CA ASP D 126 24.96 -25.26 -3.82
C ASP D 126 25.45 -23.79 -3.87
N ILE D 127 26.56 -23.52 -3.19
CA ILE D 127 27.21 -22.21 -3.17
C ILE D 127 27.75 -21.89 -4.57
N HIS D 128 28.19 -22.93 -5.31
CA HIS D 128 28.68 -22.75 -6.66
C HIS D 128 27.62 -22.11 -7.53
N HIS D 129 26.33 -22.53 -7.40
CA HIS D 129 25.25 -21.93 -8.17
C HIS D 129 24.96 -20.49 -7.72
N VAL D 130 25.04 -20.23 -6.42
CA VAL D 130 24.83 -18.87 -5.90
C VAL D 130 25.88 -17.93 -6.50
N ARG D 131 27.18 -18.33 -6.43
CA ARG D 131 28.25 -17.51 -6.97
C ARG D 131 28.12 -17.33 -8.49
N LYS D 132 27.82 -18.39 -9.24
CA LYS D 132 27.73 -18.29 -10.70
C LYS D 132 26.55 -17.39 -11.07
N SER D 133 25.43 -17.49 -10.33
CA SER D 133 24.27 -16.59 -10.56
C SER D 133 24.69 -15.15 -10.33
N MET D 134 25.44 -14.87 -9.26
CA MET D 134 25.91 -13.49 -9.00
C MET D 134 26.86 -13.01 -10.10
N GLU D 135 27.77 -13.87 -10.55
CA GLU D 135 28.73 -13.49 -11.61
C GLU D 135 28.06 -13.21 -12.94
N VAL D 136 27.20 -14.11 -13.38
CA VAL D 136 26.56 -13.99 -14.69
C VAL D 136 25.39 -12.98 -14.71
N ASN D 137 24.49 -13.10 -13.74
CA ASN D 137 23.27 -12.31 -13.75
C ASN D 137 23.47 -10.90 -13.24
N PHE D 138 24.56 -10.65 -12.52
CA PHE D 138 24.77 -9.34 -11.90
C PHE D 138 26.12 -8.75 -12.27
N LEU D 139 27.21 -9.38 -11.87
CA LEU D 139 28.53 -8.80 -12.15
C LEU D 139 28.82 -8.55 -13.62
N SER D 140 28.43 -9.47 -14.51
CA SER D 140 28.67 -9.23 -15.95
C SER D 140 27.88 -8.02 -16.45
N TYR D 141 26.70 -7.74 -15.85
CA TYR D 141 25.89 -6.56 -16.22
C TYR D 141 26.68 -5.29 -15.87
N VAL D 142 27.37 -5.30 -14.74
CA VAL D 142 28.20 -4.17 -14.29
C VAL D 142 29.38 -4.00 -15.27
N VAL D 143 30.07 -5.10 -15.59
CA VAL D 143 31.21 -5.04 -16.54
C VAL D 143 30.75 -4.47 -17.90
N LEU D 144 29.62 -4.96 -18.42
CA LEU D 144 29.08 -4.50 -19.71
C LEU D 144 28.74 -3.01 -19.65
N THR D 145 28.16 -2.55 -18.54
CA THR D 145 27.80 -1.14 -18.34
C THR D 145 29.06 -0.26 -18.35
N VAL D 146 30.10 -0.67 -17.58
CA VAL D 146 31.37 0.08 -17.52
C VAL D 146 31.94 0.20 -18.96
N ALA D 147 31.94 -0.91 -19.70
CA ALA D 147 32.47 -0.95 -21.08
C ALA D 147 31.67 -0.07 -22.04
N ALA D 148 30.34 -0.02 -21.85
CA ALA D 148 29.43 0.72 -22.74
C ALA D 148 29.30 2.20 -22.43
N LEU D 149 29.55 2.61 -21.17
CA LEU D 149 29.26 3.98 -20.75
C LEU D 149 29.84 5.11 -21.61
N PRO D 150 31.14 5.06 -22.03
CA PRO D 150 31.67 6.15 -22.90
C PRO D 150 30.82 6.38 -24.14
N MET D 151 30.42 5.29 -24.85
CA MET D 151 29.55 5.38 -26.03
C MET D 151 28.16 5.89 -25.71
N LEU D 152 27.56 5.40 -24.60
CA LEU D 152 26.24 5.83 -24.19
C LEU D 152 26.25 7.32 -23.77
N LYS D 153 27.35 7.80 -23.16
CA LYS D 153 27.46 9.22 -22.77
C LYS D 153 27.51 10.08 -24.06
N GLN D 154 28.22 9.60 -25.09
CA GLN D 154 28.32 10.29 -26.40
C GLN D 154 26.95 10.43 -27.09
N SER D 155 26.09 9.40 -27.00
CA SER D 155 24.77 9.39 -27.63
C SER D 155 23.59 9.80 -26.72
N ASN D 156 23.84 10.11 -25.42
CA ASN D 156 22.80 10.37 -24.41
C ASN D 156 21.85 9.15 -24.42
N GLY D 157 22.48 7.98 -24.41
CA GLY D 157 21.86 6.68 -24.55
C GLY D 157 21.13 6.12 -23.35
N SER D 158 20.88 4.80 -23.39
CA SER D 158 20.05 4.13 -22.41
C SER D 158 20.56 2.75 -22.07
N ILE D 159 20.43 2.37 -20.78
CA ILE D 159 20.74 1.02 -20.28
C ILE D 159 19.40 0.43 -19.88
N VAL D 160 19.14 -0.81 -20.34
CA VAL D 160 17.90 -1.51 -20.04
C VAL D 160 18.30 -2.78 -19.32
N VAL D 161 17.81 -2.96 -18.08
CA VAL D 161 18.19 -4.09 -17.24
C VAL D 161 16.96 -4.95 -17.07
N VAL D 162 17.03 -6.20 -17.53
CA VAL D 162 15.90 -7.12 -17.43
C VAL D 162 15.92 -7.79 -16.06
N SER D 163 14.88 -7.56 -15.27
CA SER D 163 14.76 -8.16 -13.95
C SER D 163 13.46 -8.96 -13.87
N SER D 164 12.91 -9.10 -12.66
CA SER D 164 11.80 -10.01 -12.42
C SER D 164 11.02 -9.57 -11.21
N LEU D 165 9.77 -10.08 -11.08
CA LEU D 165 9.03 -9.88 -9.84
C LEU D 165 9.86 -10.46 -8.69
N ALA D 166 10.66 -11.56 -8.96
CA ALA D 166 11.53 -12.18 -7.96
C ALA D 166 12.74 -11.29 -7.64
N GLY D 167 12.81 -10.12 -8.26
CA GLY D 167 13.82 -9.10 -7.97
C GLY D 167 13.21 -7.95 -7.18
N LYS D 168 11.93 -8.09 -6.73
CA LYS D 168 11.23 -7.06 -5.95
C LYS D 168 10.51 -7.66 -4.73
N VAL D 169 10.07 -8.92 -4.84
CA VAL D 169 9.43 -9.64 -3.73
C VAL D 169 10.07 -11.00 -3.65
N ALA D 170 9.86 -11.70 -2.53
CA ALA D 170 10.50 -12.99 -2.32
C ALA D 170 9.68 -14.14 -2.84
N TYR D 171 10.37 -15.15 -3.38
CA TYR D 171 9.73 -16.37 -3.89
C TYR D 171 10.57 -17.55 -3.41
N PRO D 172 9.96 -18.67 -2.98
CA PRO D 172 10.78 -19.85 -2.66
C PRO D 172 11.27 -20.51 -3.96
N MET D 173 12.29 -21.38 -3.86
CA MET D 173 12.84 -22.20 -4.96
C MET D 173 13.72 -21.47 -5.96
N VAL D 174 13.93 -20.15 -5.78
CA VAL D 174 14.75 -19.35 -6.69
C VAL D 174 15.68 -18.43 -5.87
N ALA D 175 16.23 -18.93 -4.74
CA ALA D 175 17.02 -18.04 -3.88
C ALA D 175 18.23 -17.38 -4.56
N ALA D 176 19.07 -18.18 -5.28
CA ALA D 176 20.24 -17.65 -5.98
C ALA D 176 19.84 -16.63 -7.04
N TYR D 177 18.84 -16.98 -7.85
CA TYR D 177 18.32 -16.13 -8.91
C TYR D 177 17.77 -14.82 -8.33
N SER D 178 16.90 -14.91 -7.30
CA SER D 178 16.32 -13.74 -6.63
C SER D 178 17.40 -12.81 -6.07
N ALA D 179 18.43 -13.39 -5.40
CA ALA D 179 19.51 -12.57 -4.84
C ALA D 179 20.17 -11.74 -5.96
N SER D 180 20.42 -12.38 -7.12
CA SER D 180 21.05 -11.67 -8.26
C SER D 180 20.16 -10.55 -8.82
N LYS D 181 18.82 -10.80 -8.86
CA LYS D 181 17.90 -9.78 -9.37
C LYS D 181 17.72 -8.62 -8.38
N PHE D 182 17.66 -8.91 -7.07
CA PHE D 182 17.63 -7.85 -6.06
C PHE D 182 18.92 -7.02 -6.14
N ALA D 183 20.09 -7.66 -6.34
CA ALA D 183 21.38 -6.97 -6.45
C ALA D 183 21.35 -5.95 -7.60
N LEU D 184 20.74 -6.31 -8.74
CA LEU D 184 20.60 -5.41 -9.89
C LEU D 184 19.86 -4.15 -9.50
N ASP D 185 18.77 -4.31 -8.74
CA ASP D 185 18.00 -3.13 -8.29
C ASP D 185 18.86 -2.21 -7.44
N GLY D 186 19.50 -2.76 -6.41
CA GLY D 186 20.35 -1.95 -5.53
C GLY D 186 21.44 -1.24 -6.31
N PHE D 187 22.13 -1.98 -7.19
CA PHE D 187 23.25 -1.37 -7.92
C PHE D 187 22.80 -0.30 -8.91
N PHE D 188 21.90 -0.69 -9.84
CA PHE D 188 21.48 0.22 -10.91
C PHE D 188 20.66 1.40 -10.39
N SER D 189 19.90 1.21 -9.30
CA SER D 189 19.14 2.32 -8.74
C SER D 189 20.07 3.32 -8.06
N SER D 190 21.20 2.84 -7.47
CA SER D 190 22.18 3.71 -6.85
C SER D 190 22.89 4.56 -7.92
N ILE D 191 23.38 3.90 -8.98
CA ILE D 191 24.06 4.64 -10.05
C ILE D 191 23.11 5.58 -10.77
N ARG D 192 21.80 5.25 -10.86
CA ARG D 192 20.85 6.19 -11.49
C ARG D 192 20.88 7.56 -10.72
N LYS D 193 20.90 7.49 -9.38
CA LYS D 193 20.99 8.69 -8.52
C LYS D 193 22.29 9.43 -8.73
N GLU D 194 23.40 8.68 -8.87
CA GLU D 194 24.72 9.25 -9.11
C GLU D 194 24.76 9.97 -10.46
N TYR D 195 24.16 9.37 -11.51
CA TYR D 195 24.14 9.96 -12.85
C TYR D 195 23.37 11.27 -12.87
N SER D 196 22.29 11.34 -12.07
CA SER D 196 21.46 12.53 -11.94
C SER D 196 22.29 13.70 -11.42
N VAL D 197 23.02 13.50 -10.32
CA VAL D 197 23.84 14.56 -9.73
C VAL D 197 25.11 14.85 -10.53
N SER D 198 25.64 13.86 -11.26
CA SER D 198 26.89 14.01 -12.03
C SER D 198 26.65 14.43 -13.46
N ARG D 199 25.36 14.72 -13.81
CA ARG D 199 24.89 15.17 -15.12
C ARG D 199 25.28 14.20 -16.26
N VAL D 200 25.17 12.88 -15.98
CA VAL D 200 25.40 11.83 -16.95
C VAL D 200 24.00 11.56 -17.53
N ASN D 201 23.80 11.93 -18.80
CA ASN D 201 22.51 11.79 -19.48
CA ASN D 201 22.52 11.80 -19.49
C ASN D 201 22.32 10.40 -20.10
N VAL D 202 22.39 9.36 -19.26
CA VAL D 202 22.22 7.95 -19.67
C VAL D 202 21.10 7.42 -18.80
N SER D 203 19.98 7.02 -19.42
CA SER D 203 18.84 6.54 -18.63
C SER D 203 19.08 5.08 -18.25
N ILE D 204 18.46 4.68 -17.14
CA ILE D 204 18.54 3.30 -16.63
C ILE D 204 17.11 2.82 -16.41
N THR D 205 16.71 1.79 -17.15
CA THR D 205 15.38 1.20 -17.06
C THR D 205 15.47 -0.17 -16.45
N LEU D 206 14.80 -0.38 -15.31
CA LEU D 206 14.77 -1.69 -14.67
C LEU D 206 13.42 -2.32 -15.01
N CYS D 207 13.44 -3.48 -15.67
CA CYS D 207 12.22 -4.17 -16.14
C CYS D 207 11.81 -5.27 -15.19
N VAL D 208 10.68 -5.10 -14.53
CA VAL D 208 10.16 -6.04 -13.55
C VAL D 208 9.13 -6.90 -14.22
N LEU D 209 9.53 -8.11 -14.59
CA LEU D 209 8.69 -9.05 -15.32
C LEU D 209 8.20 -10.19 -14.48
N GLY D 210 6.94 -10.57 -14.71
CA GLY D 210 6.36 -11.75 -14.10
C GLY D 210 6.65 -12.93 -14.98
N LEU D 211 5.96 -14.06 -14.75
CA LEU D 211 6.17 -15.26 -15.56
C LEU D 211 5.84 -15.02 -17.04
N ILE D 212 6.78 -15.40 -17.92
CA ILE D 212 6.72 -15.25 -19.38
C ILE D 212 6.81 -16.62 -20.03
N ASP D 213 6.02 -16.82 -21.09
CA ASP D 213 5.92 -18.12 -21.77
C ASP D 213 7.13 -18.57 -22.62
N THR D 214 8.36 -18.30 -22.17
CA THR D 214 9.53 -18.76 -22.91
C THR D 214 9.64 -20.27 -22.72
N GLU D 215 10.24 -20.98 -23.69
CA GLU D 215 10.40 -22.43 -23.60
C GLU D 215 11.14 -22.83 -22.33
N THR D 216 12.24 -22.10 -21.99
CA THR D 216 13.00 -22.40 -20.78
C THR D 216 12.14 -22.28 -19.50
N ALA D 217 11.43 -21.17 -19.33
CA ALA D 217 10.63 -20.96 -18.11
C ALA D 217 9.50 -21.97 -18.00
N MET D 218 8.81 -22.25 -19.13
CA MET D 218 7.67 -23.17 -19.15
C MET D 218 8.07 -24.57 -18.77
N LYS D 219 9.25 -25.00 -19.23
CA LYS D 219 9.81 -26.30 -18.87
C LYS D 219 10.20 -26.32 -17.39
N ALA D 220 10.82 -25.22 -16.91
CA ALA D 220 11.28 -25.17 -15.52
C ALA D 220 10.15 -25.19 -14.51
N VAL D 221 9.02 -24.52 -14.80
CA VAL D 221 7.90 -24.43 -13.84
C VAL D 221 6.91 -25.59 -13.92
N SER D 222 6.97 -26.37 -15.02
CA SER D 222 6.03 -27.48 -15.26
C SER D 222 5.86 -28.42 -14.06
N GLY D 223 4.62 -28.52 -13.55
CA GLY D 223 4.27 -29.35 -12.40
C GLY D 223 4.61 -28.78 -11.03
N ILE D 224 5.22 -27.57 -10.98
CA ILE D 224 5.63 -26.92 -9.72
C ILE D 224 4.84 -25.64 -9.49
N VAL D 225 4.77 -24.77 -10.50
CA VAL D 225 4.11 -23.46 -10.46
C VAL D 225 2.94 -23.48 -11.42
N HIS D 226 1.72 -23.13 -10.94
CA HIS D 226 0.54 -23.05 -11.80
C HIS D 226 0.00 -21.61 -11.97
N MET D 227 0.89 -20.70 -12.40
CA MET D 227 0.61 -19.29 -12.66
C MET D 227 0.33 -19.12 -14.15
N GLN D 228 -0.42 -18.08 -14.52
CA GLN D 228 -0.65 -17.76 -15.92
C GLN D 228 0.64 -17.08 -16.44
N ALA D 229 1.17 -17.52 -17.59
CA ALA D 229 2.36 -16.90 -18.18
C ALA D 229 1.95 -15.89 -19.24
N ALA D 230 2.65 -14.75 -19.29
CA ALA D 230 2.38 -13.70 -20.26
C ALA D 230 3.11 -13.98 -21.59
N PRO D 231 2.62 -13.46 -22.74
CA PRO D 231 3.30 -13.75 -24.01
C PRO D 231 4.65 -13.07 -24.19
N LYS D 232 5.66 -13.83 -24.62
CA LYS D 232 7.04 -13.35 -24.82
C LYS D 232 7.16 -12.22 -25.83
N GLU D 233 6.34 -12.25 -26.91
CA GLU D 233 6.41 -11.19 -27.92
C GLU D 233 6.00 -9.83 -27.37
N GLU D 234 4.89 -9.76 -26.63
CA GLU D 234 4.39 -8.52 -26.03
C GLU D 234 5.39 -8.07 -24.93
N CYS D 235 5.87 -9.02 -24.15
CA CYS D 235 6.87 -8.73 -23.11
C CYS D 235 8.07 -7.98 -23.70
N ALA D 236 8.65 -8.57 -24.76
CA ALA D 236 9.79 -8.03 -25.48
C ALA D 236 9.59 -6.60 -25.92
N LEU D 237 8.38 -6.30 -26.45
CA LEU D 237 8.05 -4.94 -26.90
C LEU D 237 7.92 -3.95 -25.74
N GLU D 238 7.32 -4.36 -24.62
CA GLU D 238 7.17 -3.50 -23.43
C GLU D 238 8.52 -3.08 -22.85
N ILE D 239 9.52 -3.97 -22.93
CA ILE D 239 10.89 -3.68 -22.44
C ILE D 239 11.50 -2.59 -23.33
N ILE D 240 11.44 -2.78 -24.67
CA ILE D 240 11.97 -1.81 -25.63
C ILE D 240 11.25 -0.46 -25.44
N LYS D 241 9.90 -0.47 -25.28
CA LYS D 241 9.08 0.73 -25.08
C LYS D 241 9.57 1.55 -23.89
N GLY D 242 9.73 0.88 -22.74
CA GLY D 242 10.21 1.52 -21.52
C GLY D 242 11.58 2.16 -21.67
N GLY D 243 12.52 1.47 -22.30
CA GLY D 243 13.87 2.00 -22.55
C GLY D 243 13.84 3.21 -23.49
N ALA D 244 13.06 3.12 -24.58
CA ALA D 244 12.91 4.21 -25.55
C ALA D 244 12.34 5.46 -24.88
N LEU D 245 11.42 5.27 -23.93
CA LEU D 245 10.81 6.37 -23.20
C LEU D 245 11.62 6.82 -22.00
N ARG D 246 12.78 6.16 -21.76
CA ARG D 246 13.69 6.49 -20.65
C ARG D 246 12.98 6.34 -19.29
N GLN D 247 12.09 5.34 -19.19
CA GLN D 247 11.34 5.13 -17.95
C GLN D 247 12.27 4.48 -16.92
N GLU D 248 12.14 4.85 -15.66
CA GLU D 248 12.98 4.26 -14.61
C GLU D 248 12.63 2.79 -14.40
N GLU D 249 11.34 2.45 -14.43
CA GLU D 249 10.89 1.07 -14.24
C GLU D 249 9.75 0.69 -15.19
N VAL D 250 9.75 -0.57 -15.63
CA VAL D 250 8.71 -1.17 -16.46
C VAL D 250 8.17 -2.31 -15.62
N TYR D 251 6.85 -2.46 -15.58
CA TYR D 251 6.21 -3.57 -14.88
C TYR D 251 5.34 -4.29 -15.88
N TYR D 252 5.54 -5.61 -16.00
CA TYR D 252 4.80 -6.41 -16.97
C TYR D 252 4.46 -7.78 -16.39
N ASP D 253 3.16 -8.06 -16.23
CA ASP D 253 2.72 -9.33 -15.68
C ASP D 253 1.30 -9.60 -16.19
N SER D 254 0.91 -10.87 -16.27
CA SER D 254 -0.43 -11.38 -16.66
C SER D 254 -1.54 -10.88 -15.77
N SER D 255 -1.25 -10.75 -14.47
CA SER D 255 -2.22 -10.39 -13.46
C SER D 255 -2.36 -8.91 -13.25
N ARG D 256 -3.61 -8.40 -13.33
CA ARG D 256 -3.95 -7.01 -13.05
C ARG D 256 -3.65 -6.73 -11.55
N TRP D 257 -3.77 -7.75 -10.70
CA TRP D 257 -3.54 -7.62 -9.26
C TRP D 257 -2.07 -7.34 -8.99
N THR D 258 -1.18 -8.10 -9.65
CA THR D 258 0.25 -7.91 -9.51
C THR D 258 0.63 -6.50 -9.91
N THR D 259 0.15 -6.01 -11.06
CA THR D 259 0.48 -4.65 -11.52
C THR D 259 -0.06 -3.58 -10.60
N LEU D 260 -1.20 -3.84 -9.91
CA LEU D 260 -1.79 -2.93 -8.92
C LEU D 260 -0.94 -2.83 -7.65
N LEU D 261 -0.25 -3.91 -7.26
CA LEU D 261 0.47 -3.97 -5.99
C LEU D 261 1.99 -3.85 -6.04
N ILE D 262 2.59 -4.07 -7.21
CA ILE D 262 4.05 -4.09 -7.38
C ILE D 262 4.78 -2.78 -7.11
N ARG D 263 4.16 -1.64 -7.44
CA ARG D 263 4.83 -0.36 -7.22
C ARG D 263 5.02 -0.08 -5.73
N ASN D 264 6.08 0.63 -5.41
CA ASN D 264 6.42 0.96 -4.04
C ASN D 264 6.56 2.47 -3.91
N PRO D 265 5.40 3.19 -3.77
CA PRO D 265 5.47 4.65 -3.60
C PRO D 265 6.23 5.10 -2.34
N CYS D 266 6.20 4.29 -1.24
CA CYS D 266 6.90 4.66 -0.01
C CYS D 266 8.40 4.70 -0.24
N ARG D 267 8.94 3.79 -1.06
CA ARG D 267 10.36 3.81 -1.39
C ARG D 267 10.72 5.13 -2.12
N LYS D 268 9.88 5.56 -3.10
CA LYS D 268 10.13 6.81 -3.83
C LYS D 268 10.11 8.02 -2.88
N ILE D 269 9.15 8.04 -1.94
CA ILE D 269 9.06 9.13 -0.95
C ILE D 269 10.30 9.18 -0.06
N LEU D 270 10.71 8.01 0.48
CA LEU D 270 11.90 7.94 1.33
C LEU D 270 13.14 8.42 0.62
N GLU D 271 13.35 7.98 -0.64
CA GLU D 271 14.53 8.37 -1.41
C GLU D 271 14.58 9.89 -1.58
N GLU D 272 13.42 10.51 -1.82
CA GLU D 272 13.30 11.97 -1.96
C GLU D 272 13.64 12.64 -0.63
N LEU D 273 13.14 12.10 0.50
CA LEU D 273 13.44 12.65 1.82
C LEU D 273 14.94 12.56 2.16
N TYR D 274 15.59 11.43 1.82
CA TYR D 274 17.03 11.26 2.06
C TYR D 274 17.93 12.03 1.07
N SER D 275 17.38 12.49 -0.09
CA SER D 275 18.13 13.20 -1.14
C SER D 275 18.69 14.56 -0.71
N THR D 276 18.11 15.13 0.35
CA THR D 276 18.49 16.44 0.87
C THR D 276 19.68 16.39 1.85
N SER D 277 20.08 15.17 2.27
CA SER D 277 21.17 14.92 3.20
C SER D 277 22.50 14.82 2.49
PA NAP E . -30.13 -7.39 13.92
O1A NAP E . -29.97 -8.77 14.48
O2A NAP E . -31.20 -7.16 12.92
O5B NAP E . -30.40 -6.42 15.17
C5B NAP E . -30.70 -5.02 14.95
C4B NAP E . -30.89 -4.40 16.30
O4B NAP E . -31.18 -2.99 16.10
C3B NAP E . -32.15 -5.03 16.94
O3B NAP E . -31.91 -5.03 18.33
C2B NAP E . -33.29 -4.02 16.63
O2B NAP E . -34.33 -4.10 17.60
C1B NAP E . -32.51 -2.65 16.65
N9A NAP E . -33.14 -1.61 15.85
C8A NAP E . -33.73 -1.66 14.52
N7A NAP E . -34.35 -0.50 14.20
C5A NAP E . -34.16 0.30 15.33
C6A NAP E . -34.53 1.61 15.67
N6A NAP E . -35.31 2.41 14.88
N1A NAP E . -34.23 2.12 16.88
C2A NAP E . -33.47 1.40 17.80
N3A NAP E . -33.07 0.15 17.55
C4A NAP E . -33.41 -0.36 16.32
O3 NAP E . -28.72 -6.91 13.29
PN NAP E . -27.29 -7.55 13.43
O1N NAP E . -27.08 -8.07 14.81
O2N NAP E . -27.10 -8.48 12.23
O5D NAP E . -26.35 -6.24 13.07
C5D NAP E . -25.91 -5.54 14.24
C4D NAP E . -24.81 -4.55 13.78
O4D NAP E . -23.75 -5.38 13.22
C3D NAP E . -25.24 -3.47 12.79
O3D NAP E . -24.50 -2.27 13.07
C2D NAP E . -24.67 -4.04 11.50
O2D NAP E . -24.43 -3.09 10.50
C1D NAP E . -23.39 -4.78 11.97
N1N NAP E . -23.02 -5.83 11.01
C2N NAP E . -23.80 -6.99 10.90
C3N NAP E . -23.43 -7.92 9.92
C7N NAP E . -24.23 -9.21 9.70
O7N NAP E . -23.82 -9.96 8.76
N7N NAP E . -25.25 -9.55 10.57
C4N NAP E . -22.31 -7.69 9.11
C5N NAP E . -21.56 -6.52 9.25
C6N NAP E . -21.93 -5.60 10.22
P2B NAP E . -35.81 -3.56 17.51
O1X NAP E . -36.44 -4.12 18.75
O2X NAP E . -35.67 -2.06 17.61
O3X NAP E . -36.37 -4.00 16.18
C1 07M F . -27.70 -6.14 6.83
C2 07M F . -27.32 -5.41 5.56
C3 07M F . -23.01 -9.45 1.93
O4 07M F . -24.08 -8.69 1.40
C5 07M F . -25.00 -8.34 2.44
C6 07M F . -22.12 -8.58 2.84
C7 07M F . -22.94 -7.73 3.80
C8 07M F . -24.33 -7.60 3.58
C9 07M F . -25.07 -6.82 4.47
N10 07M F . -24.49 -6.19 5.49
C11 07M F . -23.18 -6.25 5.69
C12 07M F . -22.35 -7.05 4.88
C13 07M F . -20.93 -7.15 5.14
N14 07M F . -19.80 -7.26 5.40
O15 07M F . -22.69 -5.57 6.77
S16 07M F . -26.79 -6.62 4.29
C17 07M F . -28.96 -6.78 6.92
N18 07M F . -29.37 -7.36 8.07
C19 07M F . -28.59 -7.41 9.15
C20 07M F . -27.31 -6.83 9.14
C21 07M F . -26.87 -6.14 7.98
C22 07M F . -29.83 -6.77 5.76
N23 07M F . -30.48 -6.74 4.80
PA NAP G . -17.36 27.33 -3.23
O1A NAP G . -16.47 28.19 -4.08
O2A NAP G . -17.66 27.68 -1.82
O5B NAP G . -18.71 27.13 -4.07
C5B NAP G . -19.86 26.54 -3.43
C4B NAP G . -21.00 26.55 -4.49
O4B NAP G . -22.13 25.80 -3.98
C3B NAP G . -21.50 27.98 -4.82
O3B NAP G . -21.99 28.08 -6.15
C2B NAP G . -22.68 28.11 -3.89
O2B NAP G . -23.47 29.22 -4.34
C1B NAP G . -23.28 26.69 -3.94
N9A NAP G . -24.11 26.40 -2.77
C8A NAP G . -23.85 26.66 -1.44
N7A NAP G . -24.85 26.35 -0.67
C5A NAP G . -25.84 25.85 -1.50
C6A NAP G . -27.15 25.39 -1.30
N6A NAP G . -27.80 25.32 -0.09
N1A NAP G . -27.89 25.00 -2.39
C2A NAP G . -27.35 25.08 -3.64
N3A NAP G . -26.11 25.52 -3.93
C4A NAP G . -25.40 25.89 -2.82
O3 NAP G . -16.85 25.76 -3.21
PN NAP G . -15.58 25.16 -3.85
O1N NAP G . -15.55 25.47 -5.33
O2N NAP G . -14.34 25.44 -2.98
O5D NAP G . -16.01 23.56 -3.71
C5D NAP G . -16.64 22.92 -4.82
C4D NAP G . -16.60 21.38 -4.61
O4D NAP G . -15.20 21.05 -4.54
C3D NAP G . -17.28 20.92 -3.30
O3D NAP G . -17.90 19.60 -3.64
C2D NAP G . -16.02 20.65 -2.44
O2D NAP G . -16.33 19.62 -1.43
C1D NAP G . -15.02 20.17 -3.46
N1N NAP G . -13.63 20.36 -2.90
C2N NAP G . -13.14 21.65 -2.74
C3N NAP G . -11.84 21.78 -2.16
C7N NAP G . -11.26 23.16 -1.98
O7N NAP G . -10.18 23.20 -1.38
N7N NAP G . -11.85 24.26 -2.53
C4N NAP G . -11.13 20.65 -1.80
C5N NAP G . -11.64 19.34 -2.01
C6N NAP G . -12.92 19.23 -2.60
P2B NAP G . -24.67 29.87 -3.49
O1X NAP G . -24.88 31.11 -4.37
O2X NAP G . -25.75 28.90 -3.41
O3X NAP G . -24.07 30.26 -2.19
C1 07M H . -14.33 23.26 2.44
C2 07M H . -14.27 22.32 3.62
C3 07M H . -7.57 20.82 4.57
O4 07M H . -8.52 21.07 5.61
C5 07M H . -9.73 21.68 5.10
C6 07M H . -8.14 19.70 3.66
C7 07M H . -9.56 20.01 3.22
C8 07M H . -10.31 20.98 3.89
C9 07M H . -11.64 21.21 3.50
N10 07M H . -12.15 20.63 2.40
C11 07M H . -11.48 19.65 1.79
C12 07M H . -10.13 19.37 2.11
C13 07M H . -9.32 18.41 1.35
N14 07M H . -8.65 17.66 0.74
O15 07M H . -12.08 19.09 0.75
S16 07M H . -12.63 22.35 4.39
C17 07M H . -14.51 24.64 2.67
N18 07M H . -14.60 25.51 1.64
C19 07M H . -14.54 25.11 0.35
C20 07M H . -14.35 23.75 0.05
C21 07M H . -14.24 22.81 1.10
C22 07M H . -14.56 25.08 4.04
N23 07M H . -14.56 25.36 5.17
PA NAP I . 32.65 -1.47 11.42
O1A NAP I . 32.62 -0.80 12.76
O2A NAP I . 33.53 -1.09 10.30
O5B NAP I . 33.00 -3.02 11.75
C5B NAP I . 33.10 -3.97 10.69
C4B NAP I . 33.60 -5.28 11.32
O4B NAP I . 33.75 -6.24 10.21
C3B NAP I . 34.95 -5.19 12.06
O3B NAP I . 34.91 -6.13 13.17
C2B NAP I . 35.93 -5.66 10.99
O2B NAP I . 37.09 -6.16 11.72
C1B NAP I . 35.11 -6.77 10.28
N9A NAP I . 35.60 -7.07 8.92
C8A NAP I . 35.98 -6.22 7.93
N7A NAP I . 36.43 -6.88 6.88
C5A NAP I . 36.32 -8.21 7.18
C6A NAP I . 36.68 -9.39 6.51
N6A NAP I . 37.24 -9.36 5.28
N1A NAP I . 36.48 -10.60 7.15
C2A NAP I . 35.97 -10.63 8.42
N3A NAP I . 35.59 -9.50 9.14
C4A NAP I . 35.81 -8.37 8.46
O3 NAP I . 31.13 -1.60 10.85
PN NAP I . 29.75 -1.13 11.47
O1N NAP I . 29.65 -1.57 12.89
O2N NAP I . 29.51 0.33 11.13
O5D NAP I . 28.72 -1.98 10.58
C5D NAP I . 28.41 -3.32 10.93
C4D NAP I . 27.15 -3.79 10.20
O4D NAP I . 26.08 -2.82 10.41
C3D NAP I . 27.37 -3.95 8.71
O3D NAP I . 26.61 -5.08 8.29
C2D NAP I . 26.69 -2.71 8.19
O2D NAP I . 26.32 -2.81 6.80
C1D NAP I . 25.52 -2.50 9.15
N1N NAP I . 25.12 -1.04 9.09
C2N NAP I . 25.96 -0.08 9.62
C3N NAP I . 25.50 1.28 9.49
C7N NAP I . 26.33 2.43 10.03
O7N NAP I . 25.99 3.57 9.73
N7N NAP I . 27.41 2.15 10.81
C4N NAP I . 24.25 1.56 8.83
C5N NAP I . 23.42 0.52 8.36
C6N NAP I . 23.94 -0.79 8.47
P2B NAP I . 38.45 -6.49 11.02
O1X NAP I . 39.34 -6.69 12.21
O2X NAP I . 38.20 -7.69 10.16
O3X NAP I . 38.83 -5.32 10.17
C1 07M J . 29.26 1.92 5.45
C2 07M J . 28.64 2.16 4.09
C3 07M J . 24.26 7.47 4.27
O4 07M J . 25.28 7.22 3.28
C5 07M J . 26.26 6.29 3.79
C6 07M J . 23.42 6.21 4.54
C7 07M J . 24.28 4.95 4.69
C8 07M J . 25.64 5.02 4.33
C9 07M J . 26.41 3.87 4.48
N10 07M J . 25.89 2.72 4.92
C11 07M J . 24.61 2.63 5.27
C12 07M J . 23.75 3.75 5.21
C13 07M J . 22.35 3.65 5.59
N14 07M J . 21.24 3.60 5.94
O15 07M J . 24.22 1.42 5.69
S16 07M J . 28.12 3.90 4.01
C17 07M J . 30.59 2.33 5.72
N18 07M J . 31.15 2.08 6.92
C19 07M J . 30.50 1.40 7.89
C20 07M J . 29.18 0.93 7.68
C21 07M J . 28.56 1.19 6.43
C22 07M J . 31.29 3.13 4.73
N23 07M J . 31.81 3.82 3.94
PA NAP K . 16.05 -18.06 -21.94
O1A NAP K . 14.99 -18.24 -23.00
O2A NAP K . 16.52 -19.16 -21.12
O5B NAP K . 17.26 -17.26 -22.61
C5B NAP K . 18.50 -17.09 -21.88
C4B NAP K . 19.45 -16.40 -22.87
O4B NAP K . 20.71 -16.19 -22.14
C3B NAP K . 19.82 -17.37 -24.06
O3B NAP K . 20.16 -16.60 -25.22
C2B NAP K . 21.05 -18.12 -23.58
O2B NAP K . 21.81 -18.60 -24.74
C1B NAP K . 21.74 -16.96 -22.76
N9A NAP K . 22.74 -17.38 -21.81
C8A NAP K . 22.63 -18.42 -20.88
N7A NAP K . 23.77 -18.57 -20.24
C5A NAP K . 24.66 -17.64 -20.75
C6A NAP K . 26.03 -17.32 -20.49
N6A NAP K . 26.86 -17.97 -19.59
N1A NAP K . 26.63 -16.33 -21.24
C2A NAP K . 25.88 -15.64 -22.15
N3A NAP K . 24.56 -15.87 -22.45
C4A NAP K . 24.03 -16.89 -21.72
O3 NAP K . 15.56 -16.97 -20.89
PN NAP K . 14.30 -16.02 -20.83
O1N NAP K . 14.03 -15.33 -22.12
O2N NAP K . 13.15 -16.62 -20.11
O5D NAP K . 14.83 -14.90 -19.73
C5D NAP K . 15.44 -13.71 -20.27
C4D NAP K . 15.44 -12.66 -19.18
O4D NAP K . 14.08 -12.32 -18.79
C3D NAP K . 16.24 -13.05 -17.89
O3D NAP K . 16.90 -11.82 -17.40
C2D NAP K . 15.09 -13.42 -16.91
O2D NAP K . 15.50 -13.20 -15.57
C1D NAP K . 14.01 -12.44 -17.32
N1N NAP K . 12.71 -12.97 -16.85
C2N NAP K . 12.19 -14.09 -17.45
C3N NAP K . 10.94 -14.57 -16.95
C7N NAP K . 10.28 -15.79 -17.61
O7N NAP K . 9.24 -16.19 -17.06
N7N NAP K . 10.80 -16.28 -18.75
C4N NAP K . 10.33 -13.96 -15.85
C5N NAP K . 10.91 -12.81 -15.27
C6N NAP K . 12.11 -12.36 -15.80
P2B NAP K . 23.07 -19.57 -24.63
O1X NAP K . 23.27 -19.96 -26.06
O2X NAP K . 24.23 -18.82 -24.10
O3X NAP K . 22.64 -20.79 -23.82
C1 07M L . 13.95 -18.57 -14.65
C2 07M L . 14.02 -18.57 -13.14
C3 07M L . 7.74 -18.43 -10.24
O4 07M L . 8.86 -19.24 -9.86
C5 07M L . 9.84 -19.36 -10.91
C6 07M L . 8.14 -16.97 -10.55
C7 07M L . 9.45 -16.88 -11.30
C8 07M L . 10.26 -18.01 -11.46
C9 07M L . 11.48 -17.87 -12.14
N10 07M L . 11.88 -16.70 -12.66
C11 07M L . 11.11 -15.61 -12.53
C12 07M L . 9.89 -15.66 -11.83
C13 07M L . 9.04 -14.49 -11.72
N14 07M L . 8.38 -13.56 -11.65
O15 07M L . 11.62 -14.44 -12.98
S16 07M L . 12.52 -19.26 -12.35
C17 07M L . 14.10 -19.78 -15.35
N18 07M L . 14.08 -19.82 -16.71
C19 07M L . 13.90 -18.70 -17.44
C20 07M L . 13.77 -17.46 -16.80
C21 07M L . 13.79 -17.39 -15.38
C22 07M L . 14.27 -20.99 -14.59
N23 07M L . 14.38 -21.93 -13.95
C1 GOL M . 15.92 9.43 -16.73
O1 GOL M . 15.36 8.11 -16.76
C2 GOL M . 16.72 9.83 -18.00
O2 GOL M . 15.99 10.66 -18.93
C3 GOL M . 18.08 10.40 -17.59
O3 GOL M . 18.90 10.69 -18.77
#